data_1EZE
#
_entry.id   1EZE
#
_cell.length_a   1.000
_cell.length_b   1.000
_cell.length_c   1.000
_cell.angle_alpha   90.00
_cell.angle_beta   90.00
_cell.angle_gamma   90.00
#
_symmetry.space_group_name_H-M   'P 1'
#
_entity_poly.entity_id   1
_entity_poly.type   'polypeptide(L)'
_entity_poly.pdbx_seq_one_letter_code
;APDVSSALDKLKEFGNTLEDKAWEVINRIKQSEFPAKT
;
_entity_poly.pdbx_strand_id   A
#
# COMPACT_ATOMS: atom_id res chain seq x y z
N ALA A 1 -13.47 11.47 26.01
CA ALA A 1 -12.12 11.33 25.43
C ALA A 1 -12.22 10.70 24.03
N PRO A 2 -11.25 11.00 23.21
CA PRO A 2 -11.20 10.48 21.83
C PRO A 2 -10.73 9.02 21.82
N ASP A 3 -11.07 8.28 20.81
CA ASP A 3 -10.66 6.86 20.74
C ASP A 3 -9.28 6.75 20.13
N VAL A 4 -8.69 7.86 19.85
CA VAL A 4 -7.32 7.86 19.26
C VAL A 4 -6.48 6.83 19.99
N SER A 5 -6.63 6.74 21.28
CA SER A 5 -5.88 5.73 22.05
C SER A 5 -6.71 4.46 22.06
N SER A 6 -7.20 4.08 20.90
CA SER A 6 -8.05 2.88 20.79
C SER A 6 -8.82 2.90 19.47
N ALA A 7 -8.23 3.45 18.44
CA ALA A 7 -8.92 3.51 17.13
C ALA A 7 -7.89 3.55 16.00
N LEU A 8 -6.71 3.06 16.26
CA LEU A 8 -5.65 3.07 15.20
C LEU A 8 -5.31 1.63 14.81
N ASP A 9 -5.75 0.68 15.58
CA ASP A 9 -5.45 -0.73 15.26
C ASP A 9 -6.21 -1.15 14.00
N LYS A 10 -7.30 -0.47 13.71
CA LYS A 10 -8.09 -0.81 12.50
C LYS A 10 -7.37 -0.28 11.27
N LEU A 11 -7.21 1.02 11.20
CA LEU A 11 -6.53 1.62 10.02
C LEU A 11 -5.16 0.95 9.81
N LYS A 12 -4.42 0.73 10.87
CA LYS A 12 -3.10 0.08 10.70
C LYS A 12 -3.27 -1.20 9.90
N GLU A 13 -4.35 -1.89 10.10
CA GLU A 13 -4.59 -3.15 9.35
C GLU A 13 -4.96 -2.80 7.91
N PHE A 14 -5.63 -1.69 7.71
CA PHE A 14 -6.03 -1.29 6.32
C PHE A 14 -4.78 -1.03 5.48
N GLY A 15 -3.80 -0.37 6.03
CA GLY A 15 -2.56 -0.09 5.26
C GLY A 15 -1.66 -1.34 5.27
N ASN A 16 -2.14 -2.39 5.89
CA ASN A 16 -1.35 -3.65 5.95
C ASN A 16 -1.79 -4.60 4.84
N THR A 17 -3.04 -4.94 4.81
CA THR A 17 -3.56 -5.88 3.76
C THR A 17 -3.31 -5.27 2.36
N LEU A 18 -4.32 -5.28 1.51
CA LEU A 18 -4.18 -4.73 0.12
C LEU A 18 -3.04 -3.73 0.00
N GLU A 19 -2.90 -2.81 0.92
CA GLU A 19 -1.79 -1.82 0.83
C GLU A 19 -0.47 -2.53 0.51
N ASP A 20 0.04 -3.29 1.43
CA ASP A 20 1.33 -4.00 1.18
C ASP A 20 1.28 -4.66 -0.20
N LYS A 21 0.11 -5.00 -0.65
CA LYS A 21 -0.03 -5.65 -2.00
C LYS A 21 0.28 -4.60 -3.08
N ALA A 22 -0.26 -3.43 -2.94
CA ALA A 22 -0.01 -2.36 -3.93
C ALA A 22 1.50 -2.19 -4.10
N TRP A 23 2.21 -2.18 -3.00
CA TRP A 23 3.66 -2.04 -3.06
C TRP A 23 4.25 -3.31 -3.70
N GLU A 24 3.61 -4.43 -3.45
CA GLU A 24 4.10 -5.70 -4.04
C GLU A 24 3.97 -5.62 -5.56
N VAL A 25 3.10 -4.77 -6.04
CA VAL A 25 2.91 -4.63 -7.50
C VAL A 25 4.04 -3.76 -8.06
N ILE A 26 4.60 -2.92 -7.24
CA ILE A 26 5.71 -2.05 -7.72
C ILE A 26 6.87 -2.95 -8.14
N ASN A 27 6.89 -4.17 -7.67
CA ASN A 27 7.99 -5.10 -8.04
C ASN A 27 7.63 -5.84 -9.33
N ARG A 28 6.37 -5.90 -9.66
CA ARG A 28 5.96 -6.60 -10.92
C ARG A 28 5.94 -5.59 -12.06
N ILE A 29 5.91 -4.33 -11.73
CA ILE A 29 5.87 -3.26 -12.77
C ILE A 29 7.24 -2.59 -12.85
N LYS A 30 7.91 -2.49 -11.74
CA LYS A 30 9.24 -1.83 -11.72
C LYS A 30 10.26 -2.71 -12.43
N GLN A 31 10.13 -4.00 -12.35
CA GLN A 31 11.10 -4.89 -13.04
C GLN A 31 10.96 -4.66 -14.54
N SER A 32 9.77 -4.40 -14.99
CA SER A 32 9.57 -4.13 -16.44
C SER A 32 10.04 -2.72 -16.76
N GLU A 33 10.22 -1.92 -15.73
CA GLU A 33 10.69 -0.52 -15.93
C GLU A 33 9.50 0.37 -16.35
N PHE A 34 8.33 -0.22 -16.45
CA PHE A 34 7.10 0.55 -16.81
C PHE A 34 7.47 1.84 -17.57
N PRO A 35 8.06 1.66 -18.73
CA PRO A 35 8.48 2.79 -19.58
C PRO A 35 7.28 3.34 -20.36
N ALA A 36 6.17 2.68 -20.31
CA ALA A 36 4.96 3.16 -21.04
C ALA A 36 4.82 4.67 -20.83
N LYS A 37 5.32 5.45 -21.74
CA LYS A 37 5.21 6.94 -21.60
C LYS A 37 3.74 7.32 -21.41
N THR A 38 3.49 8.45 -20.81
CA THR A 38 2.08 8.88 -20.60
C THR A 38 1.85 10.24 -21.26
N ALA A 1 16.51 -7.61 -23.36
CA ALA A 1 15.73 -7.61 -22.10
C ALA A 1 15.54 -6.17 -21.61
N PRO A 2 14.46 -5.95 -20.89
CA PRO A 2 14.13 -4.63 -20.34
C PRO A 2 15.00 -4.32 -19.12
N ASP A 3 16.07 -3.60 -19.30
CA ASP A 3 16.94 -3.27 -18.14
C ASP A 3 16.18 -2.42 -17.14
N VAL A 4 16.70 -2.26 -15.96
CA VAL A 4 15.98 -1.44 -14.94
C VAL A 4 15.87 0.01 -15.42
N SER A 5 16.59 0.35 -16.46
CA SER A 5 16.53 1.74 -16.98
C SER A 5 15.40 1.84 -18.01
N SER A 6 14.29 1.22 -17.74
CA SER A 6 13.14 1.26 -18.68
C SER A 6 12.21 0.08 -18.40
N ALA A 7 12.01 -0.24 -17.14
CA ALA A 7 11.11 -1.37 -16.79
C ALA A 7 10.49 -1.12 -15.43
N LEU A 8 10.40 0.12 -15.03
CA LEU A 8 9.80 0.44 -13.70
C LEU A 8 8.44 1.11 -13.91
N ASP A 9 8.17 1.55 -15.11
CA ASP A 9 6.86 2.21 -15.38
C ASP A 9 5.73 1.19 -15.23
N LYS A 10 6.03 -0.06 -15.42
CA LYS A 10 4.98 -1.11 -15.30
C LYS A 10 4.70 -1.38 -13.82
N LEU A 11 5.68 -1.84 -13.11
CA LEU A 11 5.49 -2.13 -11.67
C LEU A 11 4.88 -0.92 -10.95
N LYS A 12 5.01 0.26 -11.51
CA LYS A 12 4.44 1.46 -10.86
C LYS A 12 2.96 1.21 -10.55
N GLU A 13 2.25 0.65 -11.49
CA GLU A 13 0.81 0.36 -11.26
C GLU A 13 0.66 -0.76 -10.22
N PHE A 14 1.65 -1.61 -10.14
CA PHE A 14 1.58 -2.73 -9.15
C PHE A 14 1.62 -2.16 -7.73
N GLY A 15 2.47 -1.22 -7.48
CA GLY A 15 2.57 -0.64 -6.12
C GLY A 15 1.46 0.40 -5.94
N ASN A 16 0.62 0.55 -6.93
CA ASN A 16 -0.49 1.53 -6.85
C ASN A 16 -1.78 0.83 -6.45
N THR A 17 -2.22 -0.12 -7.23
CA THR A 17 -3.48 -0.85 -6.91
C THR A 17 -3.40 -1.48 -5.50
N LEU A 18 -3.50 -2.78 -5.40
CA LEU A 18 -3.45 -3.49 -4.09
C LEU A 18 -2.56 -2.75 -3.08
N GLU A 19 -1.52 -2.11 -3.53
CA GLU A 19 -0.63 -1.39 -2.57
C GLU A 19 -1.43 -0.32 -1.82
N ASP A 20 -1.92 0.67 -2.51
CA ASP A 20 -2.71 1.74 -1.84
C ASP A 20 -3.80 1.08 -0.98
N LYS A 21 -4.17 -0.13 -1.32
CA LYS A 21 -5.21 -0.84 -0.53
C LYS A 21 -4.60 -1.29 0.80
N ALA A 22 -3.41 -1.80 0.75
CA ALA A 22 -2.73 -2.26 1.99
C ALA A 22 -2.67 -1.08 2.95
N TRP A 23 -2.26 0.06 2.47
CA TRP A 23 -2.18 1.25 3.33
C TRP A 23 -3.61 1.66 3.72
N GLU A 24 -4.54 1.43 2.84
CA GLU A 24 -5.95 1.78 3.14
C GLU A 24 -6.42 0.91 4.30
N VAL A 25 -5.83 -0.24 4.47
CA VAL A 25 -6.23 -1.15 5.57
C VAL A 25 -5.66 -0.60 6.88
N ILE A 26 -4.58 0.13 6.81
CA ILE A 26 -3.99 0.69 8.05
C ILE A 26 -5.02 1.60 8.71
N ASN A 27 -5.97 2.08 7.96
CA ASN A 27 -7.01 2.98 8.54
C ASN A 27 -8.13 2.13 9.15
N ARG A 28 -8.29 0.91 8.71
CA ARG A 28 -9.37 0.05 9.28
C ARG A 28 -8.82 -0.72 10.48
N ILE A 29 -7.53 -0.78 10.60
CA ILE A 29 -6.91 -1.51 11.74
C ILE A 29 -6.37 -0.50 12.75
N LYS A 30 -6.04 0.65 12.28
CA LYS A 30 -5.47 1.71 13.16
C LYS A 30 -6.57 2.34 14.01
N GLN A 31 -7.64 2.73 13.40
CA GLN A 31 -8.74 3.37 14.18
C GLN A 31 -9.68 2.29 14.73
N SER A 32 -9.70 1.13 14.14
CA SER A 32 -10.62 0.08 14.64
C SER A 32 -9.82 -1.11 15.17
N GLU A 33 -8.52 -1.03 15.13
CA GLU A 33 -7.72 -2.16 15.65
C GLU A 33 -6.43 -1.64 16.29
N PHE A 34 -6.32 -0.36 16.48
CA PHE A 34 -5.09 0.19 17.11
C PHE A 34 -5.45 1.35 18.04
N PRO A 35 -6.30 1.07 18.99
CA PRO A 35 -6.75 2.08 19.99
C PRO A 35 -5.69 2.28 21.08
N ALA A 36 -4.43 2.31 20.73
CA ALA A 36 -3.37 2.51 21.75
C ALA A 36 -3.74 3.70 22.64
N LYS A 37 -4.17 4.78 22.05
CA LYS A 37 -4.55 5.97 22.85
C LYS A 37 -5.59 5.57 23.90
N THR A 38 -6.83 5.46 23.50
CA THR A 38 -7.90 5.08 24.47
C THR A 38 -7.94 3.55 24.59
N ALA A 1 -9.24 -7.20 25.43
CA ALA A 1 -9.17 -7.03 23.96
C ALA A 1 -10.41 -6.28 23.47
N PRO A 2 -10.25 -5.56 22.39
CA PRO A 2 -11.35 -4.79 21.78
C PRO A 2 -12.30 -5.72 21.01
N ASP A 3 -13.47 -5.23 20.67
CA ASP A 3 -14.43 -6.08 19.90
C ASP A 3 -14.21 -5.90 18.41
N VAL A 4 -14.80 -6.73 17.61
CA VAL A 4 -14.64 -6.61 16.14
C VAL A 4 -15.78 -5.77 15.58
N SER A 5 -16.78 -5.49 16.37
CA SER A 5 -17.91 -4.66 15.86
C SER A 5 -17.60 -3.19 16.10
N SER A 6 -16.38 -2.79 15.85
CA SER A 6 -16.00 -1.37 16.03
C SER A 6 -14.48 -1.28 16.19
N ALA A 7 -13.74 -2.04 15.43
CA ALA A 7 -12.26 -2.01 15.53
C ALA A 7 -11.64 -2.37 14.18
N LEU A 8 -12.38 -2.18 13.12
CA LEU A 8 -11.84 -2.51 11.77
C LEU A 8 -11.70 -1.21 10.96
N ASP A 9 -12.28 -0.14 11.43
CA ASP A 9 -12.17 1.15 10.69
C ASP A 9 -10.74 1.66 10.76
N LYS A 10 -10.00 1.23 11.75
CA LYS A 10 -8.60 1.68 11.88
C LYS A 10 -7.75 1.01 10.81
N LEU A 11 -7.67 -0.29 10.85
CA LEU A 11 -6.87 -1.02 9.85
C LEU A 11 -7.31 -0.63 8.43
N LYS A 12 -8.59 -0.59 8.19
CA LYS A 12 -9.07 -0.20 6.83
C LYS A 12 -8.43 1.12 6.45
N GLU A 13 -8.21 1.98 7.41
CA GLU A 13 -7.57 3.29 7.11
C GLU A 13 -6.08 3.08 6.89
N PHE A 14 -5.49 2.13 7.56
CA PHE A 14 -4.04 1.87 7.39
C PHE A 14 -3.75 1.41 5.95
N GLY A 15 -4.60 0.58 5.41
CA GLY A 15 -4.38 0.10 4.01
C GLY A 15 -4.94 1.13 3.04
N ASN A 16 -5.40 2.24 3.55
CA ASN A 16 -5.97 3.29 2.67
C ASN A 16 -4.93 4.39 2.44
N THR A 17 -4.47 5.01 3.48
CA THR A 17 -3.47 6.11 3.33
C THR A 17 -2.19 5.56 2.66
N LEU A 18 -1.04 5.82 3.22
CA LEU A 18 0.26 5.35 2.64
C LEU A 18 0.06 4.10 1.75
N GLU A 19 -0.72 3.15 2.17
CA GLU A 19 -0.92 1.93 1.33
C GLU A 19 -1.24 2.33 -0.12
N ASP A 20 -2.38 2.91 -0.34
CA ASP A 20 -2.74 3.31 -1.74
C ASP A 20 -1.55 4.03 -2.38
N LYS A 21 -0.73 4.65 -1.57
CA LYS A 21 0.46 5.35 -2.12
C LYS A 21 1.47 4.33 -2.62
N ALA A 22 1.72 3.32 -1.85
CA ALA A 22 2.69 2.27 -2.27
C ALA A 22 2.30 1.76 -3.65
N TRP A 23 1.04 1.51 -3.84
CA TRP A 23 0.56 1.04 -5.15
C TRP A 23 0.70 2.18 -6.16
N GLU A 24 0.55 3.39 -5.70
CA GLU A 24 0.69 4.56 -6.61
C GLU A 24 2.13 4.64 -7.08
N VAL A 25 3.04 4.08 -6.33
CA VAL A 25 4.47 4.11 -6.72
C VAL A 25 4.73 3.03 -7.78
N ILE A 26 3.92 2.02 -7.80
CA ILE A 26 4.11 0.95 -8.82
C ILE A 26 3.94 1.56 -10.21
N ASN A 27 3.31 2.70 -10.29
CA ASN A 27 3.10 3.35 -11.61
C ASN A 27 4.30 4.26 -11.92
N ARG A 28 5.03 4.66 -10.92
CA ARG A 28 6.20 5.55 -11.17
C ARG A 28 7.44 4.68 -11.35
N ILE A 29 7.36 3.45 -10.93
CA ILE A 29 8.51 2.52 -11.05
C ILE A 29 8.26 1.52 -12.17
N LYS A 30 7.01 1.15 -12.35
CA LYS A 30 6.67 0.16 -13.41
C LYS A 30 6.84 0.80 -14.79
N GLN A 31 6.57 2.08 -14.91
CA GLN A 31 6.75 2.73 -16.24
C GLN A 31 8.22 2.68 -16.61
N SER A 32 9.08 2.77 -15.64
CA SER A 32 10.55 2.69 -15.91
C SER A 32 10.93 1.23 -16.16
N GLU A 33 10.05 0.33 -15.78
CA GLU A 33 10.33 -1.12 -15.97
C GLU A 33 11.25 -1.63 -14.86
N PHE A 34 11.63 -0.75 -13.95
CA PHE A 34 12.50 -1.14 -12.81
C PHE A 34 13.33 -2.39 -13.15
N PRO A 35 14.18 -2.26 -14.14
CA PRO A 35 15.05 -3.36 -14.60
C PRO A 35 16.28 -3.48 -13.70
N ALA A 36 16.10 -3.40 -12.41
CA ALA A 36 17.27 -3.51 -11.49
C ALA A 36 17.55 -5.00 -11.20
N LYS A 37 17.55 -5.82 -12.22
CA LYS A 37 17.80 -7.26 -12.00
C LYS A 37 19.14 -7.44 -11.27
N THR A 38 19.14 -8.13 -10.18
CA THR A 38 20.41 -8.34 -9.42
C THR A 38 20.97 -9.72 -9.74
N ALA A 1 6.65 -2.81 -26.82
CA ALA A 1 6.32 -3.84 -25.78
C ALA A 1 7.40 -3.85 -24.70
N PRO A 2 7.00 -4.23 -23.52
CA PRO A 2 7.92 -4.30 -22.36
C PRO A 2 8.80 -5.54 -22.45
N ASP A 3 10.07 -5.40 -22.21
CA ASP A 3 10.98 -6.57 -22.27
C ASP A 3 11.19 -7.14 -20.88
N VAL A 4 10.52 -6.58 -19.93
CA VAL A 4 10.63 -7.05 -18.52
C VAL A 4 12.09 -7.40 -18.21
N SER A 5 12.32 -8.09 -17.11
CA SER A 5 13.73 -8.43 -16.75
C SER A 5 14.62 -7.22 -16.98
N SER A 6 14.08 -6.04 -16.75
CA SER A 6 14.87 -4.80 -16.94
C SER A 6 13.90 -3.62 -17.11
N ALA A 7 12.83 -3.61 -16.37
CA ALA A 7 11.85 -2.50 -16.48
C ALA A 7 10.89 -2.54 -15.30
N LEU A 8 11.30 -3.10 -14.21
CA LEU A 8 10.40 -3.18 -13.02
C LEU A 8 11.02 -2.42 -11.85
N ASP A 9 12.23 -1.97 -12.00
CA ASP A 9 12.89 -1.21 -10.90
C ASP A 9 12.24 0.16 -10.77
N LYS A 10 11.69 0.67 -11.84
CA LYS A 10 11.03 2.00 -11.79
C LYS A 10 9.66 1.87 -11.13
N LEU A 11 8.78 1.11 -11.73
CA LEU A 11 7.42 0.93 -11.15
C LEU A 11 7.55 0.45 -9.70
N LYS A 12 8.43 -0.47 -9.43
CA LYS A 12 8.57 -0.96 -8.03
C LYS A 12 8.76 0.24 -7.10
N GLU A 13 9.45 1.24 -7.56
CA GLU A 13 9.65 2.44 -6.71
C GLU A 13 8.34 3.24 -6.63
N PHE A 14 7.57 3.21 -7.69
CA PHE A 14 6.28 3.96 -7.69
C PHE A 14 5.35 3.39 -6.62
N GLY A 15 5.22 2.10 -6.55
CA GLY A 15 4.34 1.50 -5.52
C GLY A 15 4.99 1.65 -4.15
N ASN A 16 6.28 1.46 -4.09
CA ASN A 16 7.02 1.59 -2.80
C ASN A 16 6.44 2.77 -2.01
N THR A 17 6.30 3.90 -2.64
CA THR A 17 5.75 5.10 -1.95
C THR A 17 4.27 4.83 -1.59
N LEU A 18 3.37 5.68 -2.02
CA LEU A 18 1.91 5.53 -1.73
C LEU A 18 1.56 4.12 -1.21
N GLU A 19 1.93 3.08 -1.92
CA GLU A 19 1.60 1.70 -1.44
C GLU A 19 1.99 1.55 0.02
N ASP A 20 3.26 1.65 0.32
CA ASP A 20 3.69 1.51 1.74
C ASP A 20 2.82 2.40 2.62
N LYS A 21 2.33 3.48 2.07
CA LYS A 21 1.46 4.40 2.84
C LYS A 21 0.14 3.71 3.15
N ALA A 22 -0.42 3.06 2.18
CA ALA A 22 -1.71 2.35 2.38
C ALA A 22 -1.54 1.36 3.54
N TRP A 23 -0.46 0.64 3.54
CA TRP A 23 -0.21 -0.31 4.64
C TRP A 23 0.00 0.48 5.93
N GLU A 24 0.55 1.66 5.82
CA GLU A 24 0.78 2.51 7.01
C GLU A 24 -0.58 2.89 7.60
N VAL A 25 -1.61 2.87 6.79
CA VAL A 25 -2.96 3.23 7.27
C VAL A 25 -3.57 2.03 8.01
N ILE A 26 -3.14 0.85 7.67
CA ILE A 26 -3.68 -0.35 8.36
C ILE A 26 -3.36 -0.27 9.85
N ASN A 27 -2.39 0.55 10.19
CA ASN A 27 -2.02 0.69 11.63
C ASN A 27 -2.86 1.78 12.28
N ARG A 28 -3.40 2.67 11.49
CA ARG A 28 -4.23 3.77 12.08
C ARG A 28 -5.69 3.33 12.09
N ILE A 29 -6.00 2.32 11.31
CA ILE A 29 -7.40 1.81 11.24
C ILE A 29 -7.50 0.49 12.01
N LYS A 30 -6.46 -0.28 11.99
CA LYS A 30 -6.48 -1.59 12.70
C LYS A 30 -6.49 -1.37 14.21
N GLN A 31 -5.81 -0.36 14.68
CA GLN A 31 -5.80 -0.12 16.15
C GLN A 31 -7.23 0.21 16.60
N SER A 32 -7.98 0.86 15.74
CA SER A 32 -9.39 1.19 16.09
C SER A 32 -10.25 -0.05 15.88
N GLU A 33 -9.74 -1.02 15.18
CA GLU A 33 -10.50 -2.28 14.91
C GLU A 33 -11.41 -2.09 13.70
N PHE A 34 -11.65 -0.85 13.31
CA PHE A 34 -12.52 -0.55 12.13
C PHE A 34 -13.46 -1.73 11.81
N PRO A 35 -14.32 -2.02 12.75
CA PRO A 35 -15.29 -3.13 12.62
C PRO A 35 -16.47 -2.68 11.76
N ALA A 36 -16.86 -1.44 11.86
CA ALA A 36 -18.02 -0.95 11.04
C ALA A 36 -19.32 -1.46 11.66
N LYS A 37 -19.75 -0.87 12.75
CA LYS A 37 -21.01 -1.32 13.39
C LYS A 37 -22.14 -1.29 12.35
N THR A 38 -22.71 -0.15 12.11
CA THR A 38 -23.82 -0.07 11.12
C THR A 38 -23.24 0.16 9.72
N ALA A 1 -8.18 1.35 28.92
CA ALA A 1 -7.22 1.99 27.97
C ALA A 1 -7.36 1.34 26.59
N PRO A 2 -7.00 2.09 25.57
CA PRO A 2 -7.07 1.63 24.19
C PRO A 2 -5.90 0.69 23.88
N ASP A 3 -6.05 -0.58 24.17
CA ASP A 3 -4.94 -1.53 23.90
C ASP A 3 -5.20 -2.25 22.57
N VAL A 4 -4.30 -3.08 22.14
CA VAL A 4 -4.49 -3.80 20.84
C VAL A 4 -5.89 -4.41 20.82
N SER A 5 -6.26 -5.00 19.71
CA SER A 5 -7.62 -5.60 19.61
C SER A 5 -8.67 -4.55 19.99
N SER A 6 -8.37 -3.32 19.69
CA SER A 6 -9.31 -2.20 20.00
C SER A 6 -8.53 -0.89 20.10
N ALA A 7 -7.56 -0.71 19.25
CA ALA A 7 -6.77 0.55 19.30
C ALA A 7 -6.01 0.73 17.98
N LEU A 8 -6.52 0.15 16.92
CA LEU A 8 -5.83 0.28 15.60
C LEU A 8 -6.85 0.12 14.48
N ASP A 9 -8.10 0.30 14.78
CA ASP A 9 -9.15 0.15 13.73
C ASP A 9 -9.05 1.32 12.73
N LYS A 10 -8.54 2.43 13.17
CA LYS A 10 -8.42 3.60 12.27
C LYS A 10 -7.22 3.40 11.34
N LEU A 11 -6.05 3.30 11.90
CA LEU A 11 -4.83 3.09 11.05
C LEU A 11 -5.03 1.88 10.15
N LYS A 12 -5.57 0.81 10.67
CA LYS A 12 -5.79 -0.39 9.82
C LYS A 12 -6.54 0.02 8.57
N GLU A 13 -7.46 0.93 8.69
CA GLU A 13 -8.23 1.40 7.51
C GLU A 13 -7.33 2.26 6.63
N PHE A 14 -6.41 2.99 7.23
CA PHE A 14 -5.50 3.84 6.42
C PHE A 14 -4.63 2.99 5.51
N GLY A 15 -4.13 1.89 6.01
CA GLY A 15 -3.28 1.00 5.17
C GLY A 15 -4.17 0.13 4.29
N ASN A 16 -5.46 0.33 4.38
CA ASN A 16 -6.41 -0.49 3.58
C ASN A 16 -6.80 0.27 2.32
N THR A 17 -7.35 1.45 2.47
CA THR A 17 -7.77 2.25 1.29
C THR A 17 -6.55 2.55 0.39
N LEU A 18 -6.36 3.79 0.00
CA LEU A 18 -5.22 4.18 -0.90
C LEU A 18 -4.05 3.18 -0.80
N GLU A 19 -3.68 2.76 0.37
CA GLU A 19 -2.54 1.81 0.49
C GLU A 19 -2.71 0.65 -0.49
N ASP A 20 -3.69 -0.18 -0.30
CA ASP A 20 -3.91 -1.33 -1.23
C ASP A 20 -3.83 -0.82 -2.66
N LYS A 21 -4.17 0.43 -2.87
CA LYS A 21 -4.12 1.00 -4.25
C LYS A 21 -2.65 1.14 -4.68
N ALA A 22 -1.82 1.64 -3.81
CA ALA A 22 -0.39 1.80 -4.14
C ALA A 22 0.15 0.45 -4.61
N TRP A 23 -0.20 -0.60 -3.91
CA TRP A 23 0.26 -1.94 -4.30
C TRP A 23 -0.39 -2.30 -5.64
N GLU A 24 -1.58 -1.83 -5.85
CA GLU A 24 -2.29 -2.13 -7.14
C GLU A 24 -1.51 -1.48 -8.27
N VAL A 25 -0.74 -0.46 -7.96
CA VAL A 25 0.05 0.23 -9.00
C VAL A 25 1.29 -0.59 -9.31
N ILE A 26 1.73 -1.39 -8.38
CA ILE A 26 2.93 -2.22 -8.62
C ILE A 26 2.63 -3.19 -9.77
N ASN A 27 1.38 -3.40 -10.06
CA ASN A 27 1.01 -4.33 -11.16
C ASN A 27 0.94 -3.55 -12.48
N ARG A 28 0.77 -2.25 -12.41
CA ARG A 28 0.70 -1.44 -13.66
C ARG A 28 2.12 -0.96 -14.01
N ILE A 29 3.00 -1.01 -13.06
CA ILE A 29 4.40 -0.56 -13.31
C ILE A 29 5.32 -1.77 -13.41
N LYS A 30 5.01 -2.81 -12.67
CA LYS A 30 5.87 -4.03 -12.69
C LYS A 30 5.71 -4.75 -14.03
N GLN A 31 4.54 -4.70 -14.61
CA GLN A 31 4.37 -5.39 -15.93
C GLN A 31 5.27 -4.69 -16.95
N SER A 32 5.43 -3.40 -16.81
CA SER A 32 6.32 -2.66 -17.75
C SER A 32 7.77 -2.93 -17.37
N GLU A 33 7.98 -3.45 -16.19
CA GLU A 33 9.37 -3.76 -15.73
C GLU A 33 10.05 -2.49 -15.21
N PHE A 34 9.34 -1.38 -15.27
CA PHE A 34 9.90 -0.08 -14.77
C PHE A 34 11.43 -0.09 -14.78
N PRO A 35 12.00 -0.23 -15.95
CA PRO A 35 13.46 -0.27 -16.12
C PRO A 35 14.04 1.15 -16.08
N ALA A 36 15.23 1.31 -15.59
CA ALA A 36 15.84 2.66 -15.52
C ALA A 36 17.36 2.53 -15.52
N LYS A 37 18.03 3.22 -16.41
CA LYS A 37 19.52 3.14 -16.45
C LYS A 37 20.09 3.48 -15.07
N THR A 38 20.64 2.51 -14.40
CA THR A 38 21.22 2.77 -13.05
C THR A 38 22.46 1.90 -12.85
N ALA A 1 -8.18 1.35 28.92
CA ALA A 1 -7.22 1.99 27.97
C ALA A 1 -7.36 1.34 26.59
N PRO A 2 -7.00 2.09 25.57
CA PRO A 2 -7.07 1.63 24.19
C PRO A 2 -5.90 0.69 23.88
N ASP A 3 -6.05 -0.58 24.17
CA ASP A 3 -4.94 -1.53 23.90
C ASP A 3 -5.20 -2.25 22.57
N VAL A 4 -4.30 -3.08 22.14
CA VAL A 4 -4.49 -3.80 20.84
C VAL A 4 -5.89 -4.41 20.82
N SER A 5 -6.26 -5.00 19.71
CA SER A 5 -7.62 -5.60 19.61
C SER A 5 -8.67 -4.55 19.99
N SER A 6 -8.37 -3.32 19.69
CA SER A 6 -9.31 -2.20 20.00
C SER A 6 -8.53 -0.89 20.10
N ALA A 7 -7.56 -0.71 19.25
CA ALA A 7 -6.77 0.55 19.30
C ALA A 7 -6.01 0.73 17.98
N LEU A 8 -6.52 0.15 16.92
CA LEU A 8 -5.83 0.28 15.60
C LEU A 8 -6.85 0.12 14.48
N ASP A 9 -8.10 0.30 14.78
CA ASP A 9 -9.15 0.15 13.73
C ASP A 9 -9.05 1.32 12.73
N LYS A 10 -8.54 2.43 13.17
CA LYS A 10 -8.42 3.60 12.27
C LYS A 10 -7.22 3.40 11.34
N LEU A 11 -6.05 3.30 11.90
CA LEU A 11 -4.83 3.09 11.05
C LEU A 11 -5.03 1.88 10.15
N LYS A 12 -5.57 0.81 10.67
CA LYS A 12 -5.79 -0.39 9.82
C LYS A 12 -6.54 0.02 8.57
N GLU A 13 -7.46 0.93 8.69
CA GLU A 13 -8.23 1.40 7.51
C GLU A 13 -7.33 2.26 6.63
N PHE A 14 -6.41 2.99 7.23
CA PHE A 14 -5.50 3.84 6.42
C PHE A 14 -4.63 2.99 5.51
N GLY A 15 -4.13 1.89 6.01
CA GLY A 15 -3.28 1.00 5.17
C GLY A 15 -4.17 0.13 4.29
N ASN A 16 -5.46 0.33 4.38
CA ASN A 16 -6.41 -0.49 3.58
C ASN A 16 -6.80 0.27 2.32
N THR A 17 -7.35 1.45 2.47
CA THR A 17 -7.77 2.25 1.29
C THR A 17 -6.55 2.55 0.39
N LEU A 18 -6.36 3.79 0.00
CA LEU A 18 -5.22 4.18 -0.90
C LEU A 18 -4.05 3.18 -0.80
N GLU A 19 -3.68 2.76 0.37
CA GLU A 19 -2.54 1.81 0.49
C GLU A 19 -2.71 0.65 -0.49
N ASP A 20 -3.69 -0.18 -0.30
CA ASP A 20 -3.91 -1.33 -1.23
C ASP A 20 -3.83 -0.82 -2.66
N LYS A 21 -4.17 0.43 -2.87
CA LYS A 21 -4.12 1.00 -4.25
C LYS A 21 -2.65 1.14 -4.68
N ALA A 22 -1.82 1.64 -3.81
CA ALA A 22 -0.39 1.80 -4.14
C ALA A 22 0.15 0.45 -4.61
N TRP A 23 -0.20 -0.60 -3.91
CA TRP A 23 0.26 -1.94 -4.30
C TRP A 23 -0.39 -2.30 -5.64
N GLU A 24 -1.58 -1.83 -5.85
CA GLU A 24 -2.29 -2.13 -7.14
C GLU A 24 -1.51 -1.48 -8.27
N VAL A 25 -0.74 -0.46 -7.96
CA VAL A 25 0.05 0.23 -9.00
C VAL A 25 1.29 -0.59 -9.31
N ILE A 26 1.73 -1.39 -8.38
CA ILE A 26 2.93 -2.22 -8.62
C ILE A 26 2.63 -3.19 -9.77
N ASN A 27 1.38 -3.40 -10.06
CA ASN A 27 1.01 -4.33 -11.16
C ASN A 27 0.94 -3.55 -12.48
N ARG A 28 0.77 -2.25 -12.41
CA ARG A 28 0.70 -1.44 -13.66
C ARG A 28 2.12 -0.96 -14.01
N ILE A 29 3.00 -1.01 -13.06
CA ILE A 29 4.40 -0.56 -13.31
C ILE A 29 5.32 -1.77 -13.41
N LYS A 30 5.01 -2.81 -12.67
CA LYS A 30 5.87 -4.03 -12.69
C LYS A 30 5.71 -4.75 -14.03
N GLN A 31 4.54 -4.70 -14.61
CA GLN A 31 4.37 -5.39 -15.93
C GLN A 31 5.27 -4.69 -16.95
N SER A 32 5.43 -3.40 -16.81
CA SER A 32 6.32 -2.66 -17.75
C SER A 32 7.77 -2.93 -17.37
N GLU A 33 7.98 -3.45 -16.19
CA GLU A 33 9.37 -3.76 -15.73
C GLU A 33 10.05 -2.49 -15.21
N PHE A 34 9.34 -1.38 -15.27
CA PHE A 34 9.90 -0.08 -14.77
C PHE A 34 11.43 -0.09 -14.78
N PRO A 35 12.00 -0.23 -15.95
CA PRO A 35 13.46 -0.27 -16.12
C PRO A 35 14.04 1.15 -16.08
N ALA A 36 15.23 1.31 -15.59
CA ALA A 36 15.84 2.66 -15.52
C ALA A 36 17.36 2.53 -15.52
N LYS A 37 18.03 3.22 -16.41
CA LYS A 37 19.52 3.14 -16.45
C LYS A 37 20.09 3.48 -15.07
N THR A 38 20.64 2.51 -14.40
CA THR A 38 21.22 2.77 -13.05
C THR A 38 22.46 1.90 -12.85
N ALA A 1 23.08 -0.01 -19.15
CA ALA A 1 22.12 1.13 -19.27
C ALA A 1 21.01 0.95 -18.22
N PRO A 2 20.43 2.06 -17.83
CA PRO A 2 19.34 2.08 -16.84
C PRO A 2 18.02 1.64 -17.49
N ASP A 3 17.23 0.87 -16.80
CA ASP A 3 15.94 0.41 -17.36
C ASP A 3 14.87 1.46 -17.12
N VAL A 4 15.27 2.56 -16.56
CA VAL A 4 14.29 3.64 -16.29
C VAL A 4 13.41 3.82 -17.53
N SER A 5 14.00 3.76 -18.68
CA SER A 5 13.21 3.86 -19.93
C SER A 5 12.74 2.46 -20.30
N SER A 6 12.22 1.76 -19.33
CA SER A 6 11.75 0.38 -19.57
C SER A 6 11.61 -0.35 -18.22
N ALA A 7 11.24 0.35 -17.19
CA ALA A 7 11.08 -0.30 -15.86
C ALA A 7 10.08 0.49 -15.02
N LEU A 8 9.19 1.22 -15.66
CA LEU A 8 8.19 2.01 -14.90
C LEU A 8 6.87 1.25 -14.85
N ASP A 9 6.63 0.39 -15.79
CA ASP A 9 5.37 -0.39 -15.80
C ASP A 9 5.37 -1.35 -14.61
N LYS A 10 6.53 -1.69 -14.12
CA LYS A 10 6.61 -2.62 -12.97
C LYS A 10 6.24 -1.88 -11.69
N LEU A 11 6.99 -0.87 -11.36
CA LEU A 11 6.69 -0.09 -10.12
C LEU A 11 5.23 0.38 -10.14
N LYS A 12 4.76 0.86 -11.25
CA LYS A 12 3.34 1.31 -11.31
C LYS A 12 2.45 0.19 -10.80
N GLU A 13 2.79 -1.03 -11.12
CA GLU A 13 1.98 -2.18 -10.66
C GLU A 13 2.22 -2.40 -9.16
N PHE A 14 3.40 -2.09 -8.70
CA PHE A 14 3.70 -2.28 -7.25
C PHE A 14 2.82 -1.35 -6.41
N GLY A 15 2.63 -0.14 -6.85
CA GLY A 15 1.77 0.80 -6.07
C GLY A 15 0.31 0.52 -6.40
N ASN A 16 0.06 -0.49 -7.19
CA ASN A 16 -1.33 -0.82 -7.56
C ASN A 16 -1.81 -2.01 -6.72
N THR A 17 -1.23 -3.16 -6.93
CA THR A 17 -1.65 -4.37 -6.16
C THR A 17 -1.46 -4.12 -4.65
N LEU A 18 -0.62 -4.88 -4.00
CA LEU A 18 -0.39 -4.73 -2.53
C LEU A 18 -0.65 -3.29 -2.06
N GLU A 19 -0.27 -2.30 -2.83
CA GLU A 19 -0.51 -0.89 -2.41
C GLU A 19 -1.99 -0.69 -2.11
N ASP A 20 -2.84 -0.83 -3.09
CA ASP A 20 -4.30 -0.63 -2.85
C ASP A 20 -4.71 -1.47 -1.64
N LYS A 21 -3.96 -2.49 -1.35
CA LYS A 21 -4.29 -3.36 -0.18
C LYS A 21 -3.93 -2.62 1.11
N ALA A 22 -2.79 -1.98 1.12
CA ALA A 22 -2.36 -1.22 2.32
C ALA A 22 -3.44 -0.21 2.66
N TRP A 23 -3.95 0.47 1.67
CA TRP A 23 -5.02 1.45 1.91
C TRP A 23 -6.27 0.71 2.35
N GLU A 24 -6.46 -0.49 1.85
CA GLU A 24 -7.64 -1.29 2.25
C GLU A 24 -7.54 -1.62 3.73
N VAL A 25 -6.35 -1.60 4.26
CA VAL A 25 -6.16 -1.90 5.70
C VAL A 25 -6.51 -0.67 6.53
N ILE A 26 -6.41 0.49 5.94
CA ILE A 26 -6.76 1.73 6.68
C ILE A 26 -8.22 1.66 7.10
N ASN A 27 -8.99 0.83 6.45
CA ASN A 27 -10.44 0.71 6.80
C ASN A 27 -10.61 -0.34 7.89
N ARG A 28 -9.67 -1.24 8.04
CA ARG A 28 -9.80 -2.27 9.10
C ARG A 28 -9.11 -1.78 10.37
N ILE A 29 -8.29 -0.77 10.23
CA ILE A 29 -7.57 -0.22 11.41
C ILE A 29 -8.19 1.13 11.79
N LYS A 30 -8.66 1.85 10.83
CA LYS A 30 -9.27 3.19 11.13
C LYS A 30 -10.61 3.00 11.85
N GLN A 31 -11.33 1.96 11.53
CA GLN A 31 -12.64 1.75 12.22
C GLN A 31 -12.35 1.51 13.71
N SER A 32 -11.25 0.87 14.00
CA SER A 32 -10.90 0.62 15.42
C SER A 32 -10.35 1.91 16.02
N GLU A 33 -10.00 2.85 15.18
CA GLU A 33 -9.46 4.15 15.67
C GLU A 33 -7.98 3.99 16.02
N PHE A 34 -7.44 2.81 15.85
CA PHE A 34 -6.00 2.55 16.13
C PHE A 34 -5.44 3.55 17.14
N PRO A 35 -6.00 3.53 18.33
CA PRO A 35 -5.59 4.44 19.42
C PRO A 35 -4.33 3.91 20.11
N ALA A 36 -3.37 3.45 19.36
CA ALA A 36 -2.12 2.93 19.98
C ALA A 36 -2.47 1.88 21.04
N LYS A 37 -2.39 0.62 20.69
CA LYS A 37 -2.72 -0.44 21.66
C LYS A 37 -1.89 -0.25 22.94
N THR A 38 -2.55 -0.10 24.06
CA THR A 38 -1.81 0.09 25.33
C THR A 38 -1.18 -1.23 25.78
N ALA A 1 -4.71 10.04 24.13
CA ALA A 1 -4.20 9.54 22.83
C ALA A 1 -4.95 8.26 22.43
N PRO A 2 -5.07 8.06 21.14
CA PRO A 2 -5.77 6.88 20.60
C PRO A 2 -4.88 5.65 20.69
N ASP A 3 -5.24 4.70 21.51
CA ASP A 3 -4.42 3.47 21.64
C ASP A 3 -4.99 2.37 20.74
N VAL A 4 -4.33 1.24 20.68
CA VAL A 4 -4.84 0.13 19.83
C VAL A 4 -6.26 -0.24 20.25
N SER A 5 -6.64 0.12 21.44
CA SER A 5 -8.02 -0.20 21.91
C SER A 5 -8.95 0.96 21.58
N SER A 6 -8.69 1.61 20.47
CA SER A 6 -9.53 2.76 20.04
C SER A 6 -8.69 3.68 19.15
N ALA A 7 -7.88 3.11 18.29
CA ALA A 7 -7.03 3.94 17.40
C ALA A 7 -7.07 3.36 15.99
N LEU A 8 -8.14 2.67 15.66
CA LEU A 8 -8.26 2.07 14.30
C LEU A 8 -7.32 0.87 14.19
N ASP A 9 -7.24 0.08 15.23
CA ASP A 9 -6.35 -1.11 15.21
C ASP A 9 -6.85 -2.08 14.14
N LYS A 10 -8.11 -2.02 13.82
CA LYS A 10 -8.67 -2.93 12.79
C LYS A 10 -8.22 -2.46 11.41
N LEU A 11 -8.61 -1.28 11.03
CA LEU A 11 -8.22 -0.75 9.70
C LEU A 11 -6.70 -0.81 9.52
N LYS A 12 -5.94 -0.65 10.57
CA LYS A 12 -4.46 -0.72 10.43
C LYS A 12 -4.07 -2.00 9.70
N GLU A 13 -4.75 -3.07 9.99
CA GLU A 13 -4.43 -4.36 9.32
C GLU A 13 -4.89 -4.28 7.86
N PHE A 14 -5.93 -3.55 7.59
CA PHE A 14 -6.43 -3.43 6.19
C PHE A 14 -5.38 -2.73 5.33
N GLY A 15 -4.82 -1.66 5.81
CA GLY A 15 -3.79 -0.93 5.01
C GLY A 15 -2.47 -1.69 5.09
N ASN A 16 -2.45 -2.77 5.82
CA ASN A 16 -1.22 -3.58 5.95
C ASN A 16 -1.19 -4.67 4.87
N THR A 17 -2.22 -5.47 4.80
CA THR A 17 -2.25 -6.56 3.79
C THR A 17 -2.22 -5.95 2.37
N LEU A 18 -3.09 -6.39 1.49
CA LEU A 18 -3.13 -5.87 0.08
C LEU A 18 -2.45 -4.51 -0.06
N GLU A 19 -2.73 -3.57 0.81
CA GLU A 19 -2.09 -2.23 0.68
C GLU A 19 -0.59 -2.37 0.45
N ASP A 20 0.13 -2.85 1.43
CA ASP A 20 1.60 -3.01 1.26
C ASP A 20 1.88 -3.68 -0.09
N LYS A 21 0.97 -4.48 -0.54
CA LYS A 21 1.16 -5.17 -1.86
C LYS A 21 1.10 -4.14 -2.98
N ALA A 22 0.14 -3.26 -2.93
CA ALA A 22 0.01 -2.21 -3.97
C ALA A 22 1.33 -1.46 -4.06
N TRP A 23 1.89 -1.10 -2.94
CA TRP A 23 3.18 -0.39 -2.95
C TRP A 23 4.25 -1.34 -3.46
N GLU A 24 4.10 -2.61 -3.19
CA GLU A 24 5.09 -3.60 -3.68
C GLU A 24 5.05 -3.62 -5.21
N VAL A 25 3.94 -3.23 -5.78
CA VAL A 25 3.81 -3.22 -7.25
C VAL A 25 4.54 -1.99 -7.80
N ILE A 26 4.66 -0.97 -7.01
CA ILE A 26 5.38 0.25 -7.48
C ILE A 26 6.83 -0.12 -7.78
N ASN A 27 7.28 -1.21 -7.25
CA ASN A 27 8.69 -1.65 -7.49
C ASN A 27 8.74 -2.51 -8.75
N ARG A 28 7.64 -3.09 -9.15
CA ARG A 28 7.65 -3.93 -10.38
C ARG A 28 7.28 -3.06 -11.58
N ILE A 29 6.72 -1.91 -11.32
CA ILE A 29 6.32 -1.00 -12.42
C ILE A 29 7.29 0.18 -12.49
N LYS A 30 7.79 0.58 -11.35
CA LYS A 30 8.73 1.74 -11.32
C LYS A 30 10.07 1.33 -11.95
N GLN A 31 10.47 0.11 -11.78
CA GLN A 31 11.77 -0.31 -12.39
C GLN A 31 11.63 -0.21 -13.92
N SER A 32 10.45 -0.48 -14.42
CA SER A 32 10.24 -0.38 -15.89
C SER A 32 10.11 1.09 -16.26
N GLU A 33 9.89 1.93 -15.28
CA GLU A 33 9.75 3.39 -15.54
C GLU A 33 8.34 3.70 -16.03
N PHE A 34 7.51 2.69 -16.16
CA PHE A 34 6.10 2.87 -16.61
C PHE A 34 5.95 4.17 -17.42
N PRO A 35 6.62 4.23 -18.54
CA PRO A 35 6.60 5.40 -19.43
C PRO A 35 5.33 5.41 -20.28
N ALA A 36 4.41 4.50 -20.01
CA ALA A 36 3.16 4.46 -20.80
C ALA A 36 2.13 5.41 -20.21
N LYS A 37 2.56 6.59 -19.83
CA LYS A 37 1.61 7.58 -19.23
C LYS A 37 0.46 7.82 -20.21
N THR A 38 0.76 8.12 -21.44
CA THR A 38 -0.33 8.38 -22.43
C THR A 38 -0.49 7.14 -23.32
N ALA A 1 25.50 -11.40 -12.90
CA ALA A 1 24.77 -10.53 -11.95
C ALA A 1 23.37 -10.24 -12.49
N PRO A 2 22.44 -10.03 -11.59
CA PRO A 2 21.04 -9.74 -11.94
C PRO A 2 20.89 -8.29 -12.40
N ASP A 3 20.68 -8.07 -13.66
CA ASP A 3 20.52 -6.68 -14.17
C ASP A 3 19.12 -6.16 -13.84
N VAL A 4 18.90 -4.88 -13.96
CA VAL A 4 17.56 -4.32 -13.65
C VAL A 4 16.55 -4.81 -14.69
N SER A 5 17.01 -5.47 -15.72
CA SER A 5 16.07 -5.97 -16.76
C SER A 5 15.56 -7.37 -16.36
N SER A 6 15.26 -7.55 -15.10
CA SER A 6 14.76 -8.87 -14.63
C SER A 6 14.99 -8.98 -13.12
N ALA A 7 14.75 -7.91 -12.40
CA ALA A 7 14.95 -7.95 -10.92
C ALA A 7 14.05 -6.90 -10.26
N LEU A 8 12.98 -6.55 -10.91
CA LEU A 8 12.05 -5.54 -10.33
C LEU A 8 10.64 -6.13 -10.25
N ASP A 9 10.45 -7.33 -10.74
CA ASP A 9 9.11 -7.96 -10.68
C ASP A 9 8.76 -8.33 -9.25
N LYS A 10 9.75 -8.49 -8.42
CA LYS A 10 9.50 -8.86 -7.00
C LYS A 10 8.99 -7.62 -6.26
N LEU A 11 9.79 -6.59 -6.19
CA LEU A 11 9.35 -5.35 -5.49
C LEU A 11 8.04 -4.86 -6.07
N LYS A 12 7.91 -4.83 -7.37
CA LYS A 12 6.63 -4.37 -7.98
C LYS A 12 5.48 -5.16 -7.37
N GLU A 13 5.71 -6.40 -7.05
CA GLU A 13 4.64 -7.23 -6.44
C GLU A 13 4.47 -6.82 -4.97
N PHE A 14 5.54 -6.42 -4.33
CA PHE A 14 5.43 -6.01 -2.90
C PHE A 14 4.54 -4.77 -2.78
N GLY A 15 4.69 -3.83 -3.68
CA GLY A 15 3.86 -2.60 -3.61
C GLY A 15 2.50 -2.88 -4.26
N ASN A 16 2.27 -4.10 -4.66
CA ASN A 16 0.99 -4.46 -5.31
C ASN A 16 0.06 -5.12 -4.30
N THR A 17 0.48 -6.21 -3.71
CA THR A 17 -0.37 -6.93 -2.71
C THR A 17 -0.69 -5.99 -1.53
N LEU A 18 -0.49 -6.44 -0.31
CA LEU A 18 -0.79 -5.61 0.91
C LEU A 18 -0.75 -4.11 0.60
N GLU A 19 0.23 -3.65 -0.14
CA GLU A 19 0.31 -2.19 -0.45
C GLU A 19 -1.06 -1.68 -0.92
N ASP A 20 -1.49 -2.09 -2.07
CA ASP A 20 -2.81 -1.61 -2.58
C ASP A 20 -3.85 -1.73 -1.47
N LYS A 21 -3.65 -2.64 -0.56
CA LYS A 21 -4.61 -2.81 0.56
C LYS A 21 -4.50 -1.61 1.51
N ALA A 22 -3.30 -1.23 1.83
CA ALA A 22 -3.09 -0.07 2.74
C ALA A 22 -3.85 1.13 2.17
N TRP A 23 -3.71 1.36 0.89
CA TRP A 23 -4.41 2.49 0.27
C TRP A 23 -5.92 2.19 0.28
N GLU A 24 -6.26 0.93 0.17
CA GLU A 24 -7.70 0.55 0.19
C GLU A 24 -8.27 0.88 1.57
N VAL A 25 -7.44 0.94 2.56
CA VAL A 25 -7.91 1.26 3.94
C VAL A 25 -8.12 2.76 4.05
N ILE A 26 -7.42 3.53 3.27
CA ILE A 26 -7.59 5.01 3.34
C ILE A 26 -9.06 5.34 3.05
N ASN A 27 -9.74 4.46 2.37
CA ASN A 27 -11.17 4.72 2.05
C ASN A 27 -12.04 4.37 3.26
N ARG A 28 -11.61 3.44 4.07
CA ARG A 28 -12.44 3.07 5.26
C ARG A 28 -12.24 4.12 6.35
N ILE A 29 -11.10 4.73 6.38
CA ILE A 29 -10.79 5.76 7.41
C ILE A 29 -11.22 7.13 6.90
N LYS A 30 -11.31 7.24 5.63
CA LYS A 30 -11.67 8.53 5.00
C LYS A 30 -13.19 8.62 4.80
N GLN A 31 -13.85 7.52 4.62
CA GLN A 31 -15.32 7.58 4.42
C GLN A 31 -16.03 7.80 5.76
N SER A 32 -15.58 7.14 6.80
CA SER A 32 -16.25 7.30 8.10
C SER A 32 -15.21 7.31 9.20
N GLU A 33 -14.29 6.40 9.12
CA GLU A 33 -13.24 6.30 10.15
C GLU A 33 -12.15 7.37 9.97
N PHE A 34 -12.49 8.61 10.19
CA PHE A 34 -11.48 9.69 10.06
C PHE A 34 -11.44 10.55 11.33
N PRO A 35 -11.27 9.90 12.46
CA PRO A 35 -11.20 10.59 13.75
C PRO A 35 -9.85 11.31 13.91
N ALA A 36 -8.79 10.68 13.49
CA ALA A 36 -7.45 11.33 13.61
C ALA A 36 -7.22 11.74 15.07
N LYS A 37 -6.01 12.10 15.40
CA LYS A 37 -5.71 12.51 16.80
C LYS A 37 -6.65 13.64 17.22
N THR A 38 -7.51 13.39 18.18
CA THR A 38 -8.45 14.45 18.62
C THR A 38 -7.66 15.64 19.16
N ALA A 1 15.10 0.72 -25.21
CA ALA A 1 15.24 0.69 -23.73
C ALA A 1 14.00 1.29 -23.08
N PRO A 2 13.68 0.80 -21.90
CA PRO A 2 12.51 1.26 -21.13
C PRO A 2 12.80 2.61 -20.47
N ASP A 3 12.50 3.69 -21.14
CA ASP A 3 12.76 5.03 -20.54
C ASP A 3 11.47 5.60 -19.95
N VAL A 4 11.54 6.73 -19.32
CA VAL A 4 10.32 7.33 -18.72
C VAL A 4 9.18 7.29 -19.74
N SER A 5 8.00 7.69 -19.35
CA SER A 5 6.85 7.68 -20.31
C SER A 5 6.82 6.33 -21.01
N SER A 6 7.22 5.29 -20.32
CA SER A 6 7.21 3.93 -20.90
C SER A 6 8.21 3.05 -20.15
N ALA A 7 8.29 3.22 -18.86
CA ALA A 7 9.25 2.40 -18.06
C ALA A 7 8.81 2.39 -16.60
N LEU A 8 7.55 2.62 -16.35
CA LEU A 8 7.06 2.63 -14.94
C LEU A 8 5.67 1.99 -14.88
N ASP A 9 5.25 1.37 -15.95
CA ASP A 9 3.90 0.73 -15.96
C ASP A 9 3.94 -0.55 -15.12
N LYS A 10 5.09 -1.13 -14.98
CA LYS A 10 5.20 -2.38 -14.16
C LYS A 10 5.17 -2.02 -12.68
N LEU A 11 6.13 -1.27 -12.23
CA LEU A 11 6.17 -0.88 -10.79
C LEU A 11 4.86 -0.20 -10.41
N LYS A 12 4.35 0.67 -11.24
CA LYS A 12 3.08 1.36 -10.91
C LYS A 12 2.02 0.30 -10.57
N GLU A 13 2.07 -0.82 -11.22
CA GLU A 13 1.08 -1.90 -10.94
C GLU A 13 1.46 -2.57 -9.63
N PHE A 14 2.72 -2.64 -9.31
CA PHE A 14 3.14 -3.29 -8.04
C PHE A 14 2.62 -2.49 -6.85
N GLY A 15 2.68 -1.19 -6.92
CA GLY A 15 2.17 -0.35 -5.81
C GLY A 15 0.65 -0.22 -5.92
N ASN A 16 0.07 -0.90 -6.87
CA ASN A 16 -1.40 -0.83 -7.06
C ASN A 16 -2.07 -2.06 -6.45
N THR A 17 -1.73 -3.23 -6.93
CA THR A 17 -2.34 -4.48 -6.41
C THR A 17 -2.09 -4.60 -4.90
N LEU A 18 -1.44 -5.66 -4.46
CA LEU A 18 -1.18 -5.89 -3.00
C LEU A 18 -1.11 -4.57 -2.23
N GLU A 19 -0.54 -3.53 -2.78
CA GLU A 19 -0.47 -2.24 -2.03
C GLU A 19 -1.87 -1.80 -1.65
N ASP A 20 -2.72 -1.56 -2.59
CA ASP A 20 -4.10 -1.13 -2.23
C ASP A 20 -4.63 -2.09 -1.16
N LYS A 21 -4.06 -3.25 -1.05
CA LYS A 21 -4.53 -4.24 -0.02
C LYS A 21 -3.86 -3.98 1.33
N ALA A 22 -2.59 -3.74 1.35
CA ALA A 22 -1.88 -3.47 2.64
C ALA A 22 -2.37 -2.13 3.16
N TRP A 23 -2.30 -1.13 2.36
CA TRP A 23 -2.79 0.17 2.76
C TRP A 23 -4.26 0.04 3.19
N GLU A 24 -4.96 -0.79 2.50
CA GLU A 24 -6.39 -1.03 2.83
C GLU A 24 -6.49 -1.42 4.30
N VAL A 25 -5.54 -2.17 4.77
CA VAL A 25 -5.52 -2.61 6.18
C VAL A 25 -5.37 -1.38 7.07
N ILE A 26 -4.77 -0.35 6.55
CA ILE A 26 -4.61 0.90 7.36
C ILE A 26 -5.99 1.37 7.85
N ASN A 27 -7.02 0.94 7.19
CA ASN A 27 -8.39 1.37 7.59
C ASN A 27 -8.94 0.42 8.66
N ARG A 28 -8.48 -0.79 8.69
CA ARG A 28 -8.97 -1.77 9.70
C ARG A 28 -8.10 -1.66 10.96
N ILE A 29 -6.96 -1.04 10.83
CA ILE A 29 -6.04 -0.89 11.99
C ILE A 29 -6.07 0.56 12.49
N LYS A 30 -6.27 1.47 11.58
CA LYS A 30 -6.28 2.91 11.98
C LYS A 30 -7.55 3.21 12.77
N GLN A 31 -8.65 2.60 12.44
CA GLN A 31 -9.90 2.87 13.20
C GLN A 31 -9.69 2.40 14.65
N SER A 32 -8.92 1.36 14.84
CA SER A 32 -8.66 0.87 16.22
C SER A 32 -7.59 1.76 16.85
N GLU A 33 -6.91 2.53 16.05
CA GLU A 33 -5.84 3.44 16.56
C GLU A 33 -4.53 2.66 16.72
N PHE A 34 -4.59 1.35 16.71
CA PHE A 34 -3.37 0.50 16.83
C PHE A 34 -2.22 1.27 17.49
N PRO A 35 -2.44 1.66 18.73
CA PRO A 35 -1.43 2.42 19.51
C PRO A 35 -0.37 1.48 20.06
N ALA A 36 -0.76 0.31 20.51
CA ALA A 36 0.22 -0.65 21.06
C ALA A 36 0.72 -0.16 22.42
N LYS A 37 -0.19 0.08 23.33
CA LYS A 37 0.21 0.56 24.68
C LYS A 37 1.23 -0.41 25.28
N THR A 38 0.84 -1.62 25.51
CA THR A 38 1.79 -2.62 26.10
C THR A 38 1.48 -4.01 25.54
N ALA A 1 2.65 -2.63 20.31
CA ALA A 1 1.87 -1.73 21.22
C ALA A 1 0.60 -1.26 20.49
N PRO A 2 -0.42 -0.97 21.27
CA PRO A 2 -1.71 -0.51 20.74
C PRO A 2 -1.62 0.97 20.35
N ASP A 3 -2.65 1.49 19.74
CA ASP A 3 -2.63 2.93 19.34
C ASP A 3 -3.44 3.74 20.32
N VAL A 4 -4.57 3.23 20.66
CA VAL A 4 -5.43 3.95 21.61
C VAL A 4 -6.60 3.05 22.07
N SER A 5 -6.59 2.59 23.30
CA SER A 5 -7.70 1.72 23.75
C SER A 5 -7.93 0.64 22.69
N SER A 6 -6.86 0.11 22.16
CA SER A 6 -6.97 -0.92 21.10
C SER A 6 -7.25 -0.22 19.77
N ALA A 7 -6.79 0.99 19.65
CA ALA A 7 -7.01 1.76 18.39
C ALA A 7 -6.02 1.29 17.34
N LEU A 8 -5.03 0.57 17.76
CA LEU A 8 -4.01 0.06 16.80
C LEU A 8 -4.70 -0.82 15.75
N ASP A 9 -5.80 -1.43 16.09
CA ASP A 9 -6.50 -2.31 15.11
C ASP A 9 -7.01 -1.46 13.95
N LYS A 10 -7.32 -0.23 14.18
CA LYS A 10 -7.82 0.65 13.10
C LYS A 10 -6.68 0.96 12.13
N LEU A 11 -5.62 1.55 12.63
CA LEU A 11 -4.47 1.88 11.76
C LEU A 11 -4.03 0.64 10.98
N LYS A 12 -3.94 -0.49 11.64
CA LYS A 12 -3.52 -1.72 10.92
C LYS A 12 -4.44 -1.92 9.71
N GLU A 13 -5.70 -1.61 9.87
CA GLU A 13 -6.65 -1.76 8.74
C GLU A 13 -6.38 -0.66 7.71
N PHE A 14 -5.90 0.48 8.16
CA PHE A 14 -5.62 1.59 7.21
C PHE A 14 -4.49 1.20 6.26
N GLY A 15 -3.44 0.63 6.78
CA GLY A 15 -2.31 0.21 5.91
C GLY A 15 -2.68 -1.08 5.17
N ASN A 16 -3.85 -1.58 5.43
CA ASN A 16 -4.30 -2.83 4.77
C ASN A 16 -5.10 -2.50 3.50
N THR A 17 -6.12 -1.69 3.64
CA THR A 17 -6.95 -1.32 2.45
C THR A 17 -6.08 -0.58 1.41
N LEU A 18 -6.52 0.55 0.93
CA LEU A 18 -5.76 1.34 -0.10
C LEU A 18 -4.27 1.01 -0.10
N GLU A 19 -3.65 0.92 1.04
CA GLU A 19 -2.18 0.61 1.07
C GLU A 19 -1.88 -0.60 0.18
N ASP A 20 -2.33 -1.75 0.55
CA ASP A 20 -2.06 -2.96 -0.27
C ASP A 20 -2.36 -2.64 -1.74
N LYS A 21 -3.23 -1.70 -1.97
CA LYS A 21 -3.57 -1.32 -3.37
C LYS A 21 -2.40 -0.57 -3.99
N ALA A 22 -1.84 0.36 -3.27
CA ALA A 22 -0.68 1.14 -3.78
C ALA A 22 0.40 0.16 -4.24
N TRP A 23 0.68 -0.82 -3.42
CA TRP A 23 1.70 -1.81 -3.80
C TRP A 23 1.15 -2.65 -4.96
N GLU A 24 -0.13 -2.86 -4.98
CA GLU A 24 -0.75 -3.64 -6.07
C GLU A 24 -0.57 -2.88 -7.38
N VAL A 25 -0.39 -1.59 -7.30
CA VAL A 25 -0.19 -0.77 -8.51
C VAL A 25 1.25 -0.92 -8.99
N ILE A 26 2.15 -1.22 -8.10
CA ILE A 26 3.57 -1.38 -8.50
C ILE A 26 3.65 -2.47 -9.57
N ASN A 27 2.68 -3.34 -9.60
CA ASN A 27 2.68 -4.44 -10.62
C ASN A 27 2.15 -3.91 -11.95
N ARG A 28 1.29 -2.92 -11.93
CA ARG A 28 0.76 -2.37 -13.20
C ARG A 28 1.81 -1.45 -13.83
N ILE A 29 2.60 -0.82 -12.99
CA ILE A 29 3.65 0.11 -13.48
C ILE A 29 4.93 -0.67 -13.76
N LYS A 30 5.05 -1.77 -13.13
CA LYS A 30 6.27 -2.62 -13.28
C LYS A 30 6.09 -3.63 -14.39
N GLN A 31 4.90 -4.04 -14.68
CA GLN A 31 4.72 -5.04 -15.76
C GLN A 31 4.72 -4.34 -17.13
N SER A 32 4.12 -3.19 -17.25
CA SER A 32 4.09 -2.52 -18.56
C SER A 32 4.27 -1.04 -18.35
N GLU A 33 3.58 -0.51 -17.39
CA GLU A 33 3.66 0.94 -17.11
C GLU A 33 4.92 1.30 -16.32
N PHE A 34 6.07 1.16 -16.93
CA PHE A 34 7.33 1.50 -16.23
C PHE A 34 8.18 2.47 -17.08
N PRO A 35 7.57 3.57 -17.46
CA PRO A 35 8.26 4.61 -18.28
C PRO A 35 9.19 5.47 -17.41
N ALA A 36 9.86 4.89 -16.45
CA ALA A 36 10.77 5.70 -15.59
C ALA A 36 12.21 5.23 -15.81
N LYS A 37 12.57 4.96 -17.03
CA LYS A 37 13.97 4.50 -17.32
C LYS A 37 14.96 5.49 -16.72
N THR A 38 16.03 5.01 -16.14
CA THR A 38 17.04 5.92 -15.54
C THR A 38 18.02 6.38 -16.63
N ALA A 1 8.16 -11.60 -25.31
CA ALA A 1 9.24 -10.65 -24.94
C ALA A 1 9.25 -10.45 -23.42
N PRO A 2 10.42 -10.21 -22.88
CA PRO A 2 10.61 -10.00 -21.44
C PRO A 2 10.15 -8.59 -21.04
N ASP A 3 8.88 -8.41 -20.79
CA ASP A 3 8.38 -7.07 -20.39
C ASP A 3 8.14 -7.03 -18.90
N VAL A 4 8.11 -8.16 -18.31
CA VAL A 4 7.87 -8.25 -16.84
C VAL A 4 9.05 -8.95 -16.17
N SER A 5 9.06 -9.01 -14.87
CA SER A 5 10.19 -9.67 -14.16
C SER A 5 11.50 -9.28 -14.83
N SER A 6 11.55 -8.08 -15.33
CA SER A 6 12.79 -7.58 -16.00
C SER A 6 12.45 -6.41 -16.90
N ALA A 7 11.54 -5.57 -16.48
CA ALA A 7 11.16 -4.39 -17.32
C ALA A 7 10.39 -3.39 -16.46
N LEU A 8 10.62 -3.39 -15.17
CA LEU A 8 9.91 -2.44 -14.28
C LEU A 8 10.36 -2.65 -12.84
N ASP A 9 11.59 -3.05 -12.65
CA ASP A 9 12.10 -3.27 -11.27
C ASP A 9 12.31 -1.92 -10.59
N LYS A 10 12.52 -0.88 -11.35
CA LYS A 10 12.73 0.46 -10.75
C LYS A 10 11.38 1.01 -10.28
N LEU A 11 10.47 1.21 -11.19
CA LEU A 11 9.13 1.74 -10.80
C LEU A 11 8.51 0.85 -9.73
N LYS A 12 8.58 -0.45 -9.89
CA LYS A 12 7.99 -1.34 -8.87
C LYS A 12 8.54 -0.96 -7.49
N GLU A 13 9.77 -0.52 -7.45
CA GLU A 13 10.36 -0.11 -6.15
C GLU A 13 9.76 1.23 -5.74
N PHE A 14 9.48 2.09 -6.68
CA PHE A 14 8.89 3.41 -6.36
C PHE A 14 7.53 3.23 -5.67
N GLY A 15 6.70 2.39 -6.20
CA GLY A 15 5.37 2.17 -5.57
C GLY A 15 5.57 1.39 -4.27
N ASN A 16 6.44 0.42 -4.30
CA ASN A 16 6.70 -0.40 -3.08
C ASN A 16 6.72 0.52 -1.85
N THR A 17 7.48 1.57 -1.91
CA THR A 17 7.55 2.51 -0.75
C THR A 17 6.17 3.14 -0.51
N LEU A 18 6.08 4.46 -0.52
CA LEU A 18 4.77 5.17 -0.30
C LEU A 18 3.57 4.25 -0.43
N GLU A 19 3.42 3.54 -1.53
CA GLU A 19 2.24 2.64 -1.67
C GLU A 19 2.09 1.77 -0.42
N ASP A 20 3.06 0.94 -0.15
CA ASP A 20 2.96 0.07 1.07
C ASP A 20 2.58 0.94 2.27
N LYS A 21 2.98 2.19 2.24
CA LYS A 21 2.64 3.11 3.37
C LYS A 21 1.14 3.36 3.38
N ALA A 22 0.57 3.60 2.24
CA ALA A 22 -0.89 3.84 2.16
C ALA A 22 -1.62 2.66 2.78
N TRP A 23 -1.21 1.47 2.44
CA TRP A 23 -1.85 0.27 3.00
C TRP A 23 -1.53 0.23 4.50
N GLU A 24 -0.39 0.74 4.87
CA GLU A 24 -0.02 0.75 6.32
C GLU A 24 -0.97 1.67 7.06
N VAL A 25 -1.57 2.60 6.36
CA VAL A 25 -2.52 3.54 7.01
C VAL A 25 -3.87 2.84 7.18
N ILE A 26 -4.15 1.87 6.36
CA ILE A 26 -5.43 1.15 6.50
C ILE A 26 -5.50 0.51 7.88
N ASN A 27 -4.36 0.28 8.49
CA ASN A 27 -4.34 -0.34 9.84
C ASN A 27 -4.54 0.73 10.92
N ARG A 28 -4.23 1.97 10.61
CA ARG A 28 -4.40 3.05 11.62
C ARG A 28 -5.81 3.64 11.48
N ILE A 29 -6.46 3.38 10.39
CA ILE A 29 -7.83 3.92 10.17
C ILE A 29 -8.85 2.79 10.35
N LYS A 30 -8.43 1.61 10.09
CA LYS A 30 -9.32 0.42 10.18
C LYS A 30 -9.57 0.06 11.64
N GLN A 31 -8.53 -0.07 12.40
CA GLN A 31 -8.70 -0.44 13.83
C GLN A 31 -8.95 0.81 14.67
N SER A 32 -8.55 1.96 14.20
CA SER A 32 -8.75 3.19 15.01
C SER A 32 -9.69 4.15 14.28
N GLU A 33 -10.18 3.77 13.14
CA GLU A 33 -11.10 4.66 12.41
C GLU A 33 -12.16 3.85 11.67
N PHE A 34 -12.22 2.57 11.89
CA PHE A 34 -13.23 1.75 11.18
C PHE A 34 -13.81 0.70 12.14
N PRO A 35 -14.35 1.16 13.25
CA PRO A 35 -14.95 0.28 14.26
C PRO A 35 -16.32 -0.21 13.79
N ALA A 36 -17.09 0.65 13.18
CA ALA A 36 -18.44 0.23 12.70
C ALA A 36 -19.38 0.08 13.90
N LYS A 37 -19.87 1.16 14.42
CA LYS A 37 -20.79 1.08 15.59
C LYS A 37 -21.95 0.15 15.26
N THR A 38 -22.90 0.62 14.51
CA THR A 38 -24.07 -0.24 14.15
C THR A 38 -24.27 -0.23 12.63
N ALA A 1 -5.87 -0.23 29.76
CA ALA A 1 -6.76 -0.08 28.58
C ALA A 1 -5.95 0.47 27.40
N PRO A 2 -6.32 0.08 26.22
CA PRO A 2 -5.66 0.52 24.98
C PRO A 2 -6.10 1.96 24.62
N ASP A 3 -5.34 2.93 25.03
CA ASP A 3 -5.69 4.34 24.71
C ASP A 3 -4.98 4.78 23.43
N VAL A 4 -5.24 5.97 22.97
CA VAL A 4 -4.57 6.45 21.74
C VAL A 4 -3.05 6.33 21.90
N SER A 5 -2.57 6.30 23.11
CA SER A 5 -1.10 6.18 23.32
C SER A 5 -0.73 4.70 23.40
N SER A 6 -1.34 3.89 22.58
CA SER A 6 -1.04 2.43 22.58
C SER A 6 -2.21 1.67 21.94
N ALA A 7 -2.77 2.22 20.91
CA ALA A 7 -3.91 1.54 20.24
C ALA A 7 -3.90 1.87 18.74
N LEU A 8 -2.76 2.21 18.23
CA LEU A 8 -2.66 2.54 16.77
C LEU A 8 -1.70 1.56 16.08
N ASP A 9 -1.16 0.63 16.82
CA ASP A 9 -0.23 -0.35 16.21
C ASP A 9 -1.01 -1.33 15.33
N LYS A 10 -2.28 -1.46 15.57
CA LYS A 10 -3.10 -2.39 14.75
C LYS A 10 -3.34 -1.77 13.37
N LEU A 11 -3.98 -0.64 13.34
CA LEU A 11 -4.24 0.03 12.03
C LEU A 11 -2.92 0.25 11.29
N LYS A 12 -1.90 0.72 11.96
CA LYS A 12 -0.60 0.93 11.28
C LYS A 12 -0.20 -0.37 10.59
N GLU A 13 -0.54 -1.49 11.18
CA GLU A 13 -0.19 -2.79 10.56
C GLU A 13 -1.12 -3.05 9.37
N PHE A 14 -2.34 -2.59 9.45
CA PHE A 14 -3.29 -2.80 8.33
C PHE A 14 -2.81 -2.07 7.08
N GLY A 15 -2.36 -0.85 7.23
CA GLY A 15 -1.87 -0.09 6.05
C GLY A 15 -0.46 -0.57 5.70
N ASN A 16 0.06 -1.51 6.45
CA ASN A 16 1.42 -2.02 6.18
C ASN A 16 1.35 -3.26 5.30
N THR A 17 0.60 -4.26 5.71
CA THR A 17 0.49 -5.50 4.90
C THR A 17 -0.11 -5.17 3.52
N LEU A 18 -1.10 -5.92 3.08
CA LEU A 18 -1.75 -5.69 1.75
C LEU A 18 -1.54 -4.27 1.23
N GLU A 19 -1.71 -3.27 2.05
CA GLU A 19 -1.53 -1.86 1.56
C GLU A 19 -0.21 -1.74 0.80
N ASP A 20 0.90 -1.86 1.47
CA ASP A 20 2.21 -1.75 0.76
C ASP A 20 2.17 -2.60 -0.51
N LYS A 21 1.37 -3.63 -0.51
CA LYS A 21 1.27 -4.50 -1.72
C LYS A 21 0.56 -3.74 -2.83
N ALA A 22 -0.53 -3.09 -2.51
CA ALA A 22 -1.28 -2.31 -3.52
C ALA A 22 -0.31 -1.34 -4.20
N TRP A 23 0.46 -0.65 -3.43
CA TRP A 23 1.43 0.30 -4.00
C TRP A 23 2.49 -0.50 -4.76
N GLU A 24 2.79 -1.68 -4.30
CA GLU A 24 3.79 -2.53 -4.98
C GLU A 24 3.26 -2.92 -6.36
N VAL A 25 1.96 -2.90 -6.52
CA VAL A 25 1.35 -3.25 -7.82
C VAL A 25 1.47 -2.06 -8.77
N ILE A 26 1.56 -0.87 -8.23
CA ILE A 26 1.69 0.33 -9.09
C ILE A 26 2.95 0.19 -9.93
N ASN A 27 3.89 -0.59 -9.47
CA ASN A 27 5.16 -0.77 -10.24
C ASN A 27 4.98 -1.85 -11.31
N ARG A 28 4.04 -2.73 -11.13
CA ARG A 28 3.82 -3.81 -12.14
C ARG A 28 2.81 -3.31 -13.18
N ILE A 29 2.08 -2.29 -12.86
CA ILE A 29 1.07 -1.75 -13.81
C ILE A 29 1.60 -0.45 -14.44
N LYS A 30 2.44 0.21 -13.72
CA LYS A 30 3.00 1.51 -14.21
C LYS A 30 4.05 1.26 -15.28
N GLN A 31 4.98 0.41 -15.01
CA GLN A 31 6.05 0.15 -16.02
C GLN A 31 5.59 -0.94 -17.00
N SER A 32 4.64 -1.75 -16.62
CA SER A 32 4.19 -2.82 -17.55
C SER A 32 2.73 -2.59 -17.93
N GLU A 33 2.12 -1.55 -17.45
CA GLU A 33 0.71 -1.29 -17.80
C GLU A 33 0.44 0.20 -17.91
N PHE A 34 1.46 1.01 -17.86
CA PHE A 34 1.24 2.47 -17.95
C PHE A 34 2.35 3.11 -18.80
N PRO A 35 2.49 2.63 -20.00
CA PRO A 35 3.51 3.15 -20.95
C PRO A 35 3.06 4.50 -21.53
N ALA A 36 1.81 4.63 -21.85
CA ALA A 36 1.31 5.92 -22.42
C ALA A 36 2.23 6.36 -23.55
N LYS A 37 2.32 5.57 -24.61
CA LYS A 37 3.19 5.94 -25.74
C LYS A 37 2.82 7.35 -26.23
N THR A 38 1.57 7.70 -26.18
CA THR A 38 1.16 9.06 -26.63
C THR A 38 1.94 10.12 -25.84
N ALA A 1 -5.10 -5.52 28.45
CA ALA A 1 -4.62 -5.66 27.05
C ALA A 1 -5.27 -4.59 26.18
N PRO A 2 -4.59 -4.24 25.11
CA PRO A 2 -5.06 -3.22 24.16
C PRO A 2 -6.15 -3.80 23.26
N ASP A 3 -7.35 -3.30 23.35
CA ASP A 3 -8.46 -3.82 22.49
C ASP A 3 -8.44 -3.09 21.15
N VAL A 4 -9.30 -3.49 20.25
CA VAL A 4 -9.33 -2.81 18.91
C VAL A 4 -10.17 -1.54 19.00
N SER A 5 -10.83 -1.33 20.11
CA SER A 5 -11.66 -0.10 20.25
C SER A 5 -10.80 1.04 20.80
N SER A 6 -9.58 1.14 20.33
CA SER A 6 -8.68 2.22 20.80
C SER A 6 -7.22 1.83 20.51
N ALA A 7 -6.99 1.26 19.37
CA ALA A 7 -5.59 0.84 19.02
C ALA A 7 -5.46 0.71 17.50
N LEU A 8 -6.28 1.42 16.77
CA LEU A 8 -6.20 1.33 15.28
C LEU A 8 -6.11 2.74 14.70
N ASP A 9 -6.16 3.74 15.53
CA ASP A 9 -6.07 5.14 15.01
C ASP A 9 -4.66 5.40 14.48
N LYS A 10 -3.68 4.72 15.01
CA LYS A 10 -2.29 4.92 14.55
C LYS A 10 -2.04 4.08 13.29
N LEU A 11 -2.11 2.79 13.41
CA LEU A 11 -1.88 1.90 12.24
C LEU A 11 -2.78 2.32 11.08
N LYS A 12 -3.98 2.79 11.35
CA LYS A 12 -4.88 3.20 10.25
C LYS A 12 -4.13 4.17 9.32
N GLU A 13 -3.37 5.06 9.89
CA GLU A 13 -2.61 6.02 9.05
C GLU A 13 -1.47 5.30 8.35
N PHE A 14 -0.94 4.27 8.97
CA PHE A 14 0.17 3.51 8.33
C PHE A 14 -0.31 2.84 7.04
N GLY A 15 -1.51 2.31 7.06
CA GLY A 15 -2.04 1.65 5.83
C GLY A 15 -2.61 2.72 4.90
N ASN A 16 -2.46 3.97 5.27
CA ASN A 16 -2.99 5.06 4.45
C ASN A 16 -1.84 5.72 3.67
N THR A 17 -0.96 6.38 4.35
CA THR A 17 0.18 7.05 3.68
C THR A 17 1.04 6.03 2.92
N LEU A 18 2.26 5.82 3.33
CA LEU A 18 3.17 4.86 2.63
C LEU A 18 2.39 3.68 2.03
N GLU A 19 1.31 3.26 2.64
CA GLU A 19 0.54 2.12 2.08
C GLU A 19 0.03 2.49 0.68
N ASP A 20 -0.82 3.47 0.59
CA ASP A 20 -1.35 3.87 -0.75
C ASP A 20 -0.18 4.08 -1.70
N LYS A 21 0.99 4.34 -1.16
CA LYS A 21 2.19 4.55 -2.02
C LYS A 21 2.65 3.19 -2.55
N ALA A 22 2.66 2.21 -1.70
CA ALA A 22 3.08 0.85 -2.13
C ALA A 22 2.21 0.41 -3.30
N TRP A 23 0.93 0.60 -3.19
CA TRP A 23 0.03 0.22 -4.29
C TRP A 23 0.30 1.13 -5.48
N GLU A 24 0.67 2.35 -5.21
CA GLU A 24 0.97 3.30 -6.31
C GLU A 24 2.15 2.75 -7.12
N VAL A 25 2.99 1.99 -6.48
CA VAL A 25 4.16 1.41 -7.19
C VAL A 25 3.67 0.32 -8.13
N ILE A 26 2.65 -0.39 -7.75
CA ILE A 26 2.12 -1.45 -8.63
C ILE A 26 1.61 -0.79 -9.91
N ASN A 27 1.46 0.50 -9.89
CA ASN A 27 0.97 1.21 -11.10
C ASN A 27 2.14 1.67 -11.97
N ARG A 28 3.31 1.83 -11.41
CA ARG A 28 4.45 2.26 -12.25
C ARG A 28 5.22 1.03 -12.71
N ILE A 29 4.99 -0.06 -12.03
CA ILE A 29 5.72 -1.32 -12.36
C ILE A 29 4.81 -2.28 -13.14
N LYS A 30 3.54 -2.17 -12.92
CA LYS A 30 2.57 -3.07 -13.61
C LYS A 30 2.37 -2.64 -15.04
N GLN A 31 2.07 -1.38 -15.25
CA GLN A 31 1.85 -0.90 -16.64
C GLN A 31 3.19 -0.59 -17.30
N SER A 32 4.23 -0.35 -16.55
CA SER A 32 5.52 -0.02 -17.17
C SER A 32 6.57 -1.06 -16.79
N GLU A 33 6.21 -2.06 -16.05
CA GLU A 33 7.20 -3.08 -15.67
C GLU A 33 6.56 -4.47 -15.59
N PHE A 34 5.34 -4.60 -16.03
CA PHE A 34 4.67 -5.91 -15.95
C PHE A 34 3.82 -6.14 -17.21
N PRO A 35 4.45 -6.05 -18.35
CA PRO A 35 3.78 -6.23 -19.65
C PRO A 35 3.53 -7.72 -19.91
N ALA A 36 3.97 -8.57 -19.01
CA ALA A 36 3.75 -10.03 -19.20
C ALA A 36 4.50 -10.50 -20.46
N LYS A 37 3.86 -10.42 -21.59
CA LYS A 37 4.52 -10.86 -22.85
C LYS A 37 5.84 -10.11 -23.02
N THR A 38 6.93 -10.82 -23.13
CA THR A 38 8.25 -10.15 -23.30
C THR A 38 8.45 -9.78 -24.76
N ALA A 1 -1.24 1.68 -17.53
CA ALA A 1 -0.52 1.96 -18.82
C ALA A 1 0.98 1.78 -18.62
N PRO A 2 1.66 1.48 -19.69
CA PRO A 2 3.12 1.27 -19.68
C PRO A 2 3.85 2.61 -19.62
N ASP A 3 5.15 2.58 -19.43
CA ASP A 3 5.91 3.85 -19.37
C ASP A 3 6.93 3.85 -20.52
N VAL A 4 8.01 4.57 -20.40
CA VAL A 4 8.98 4.59 -21.53
C VAL A 4 10.05 3.49 -21.43
N SER A 5 10.29 2.75 -22.50
CA SER A 5 11.32 1.68 -22.45
C SER A 5 10.97 0.73 -21.33
N SER A 6 9.73 0.33 -21.24
CA SER A 6 9.32 -0.58 -20.15
C SER A 6 9.61 0.15 -18.85
N ALA A 7 9.55 1.45 -18.90
CA ALA A 7 9.82 2.27 -17.70
C ALA A 7 8.76 2.00 -16.66
N LEU A 8 7.66 1.48 -17.08
CA LEU A 8 6.55 1.17 -16.15
C LEU A 8 7.03 0.16 -15.10
N ASP A 9 8.15 -0.46 -15.32
CA ASP A 9 8.66 -1.47 -14.35
C ASP A 9 9.04 -0.78 -13.03
N LYS A 10 9.39 0.47 -13.09
CA LYS A 10 9.77 1.21 -11.86
C LYS A 10 8.52 1.48 -11.03
N LEU A 11 7.60 2.21 -11.59
CA LEU A 11 6.34 2.52 -10.84
C LEU A 11 5.70 1.23 -10.35
N LYS A 12 5.63 0.22 -11.17
CA LYS A 12 5.02 -1.06 -10.71
C LYS A 12 5.72 -1.50 -9.42
N GLU A 13 7.00 -1.26 -9.34
CA GLU A 13 7.74 -1.65 -8.10
C GLU A 13 7.39 -0.68 -6.97
N PHE A 14 7.09 0.55 -7.31
CA PHE A 14 6.75 1.55 -6.26
C PHE A 14 5.44 1.14 -5.57
N GLY A 15 4.48 0.70 -6.32
CA GLY A 15 3.19 0.28 -5.70
C GLY A 15 3.32 -1.14 -5.16
N ASN A 16 4.49 -1.70 -5.25
CA ASN A 16 4.72 -3.08 -4.76
C ASN A 16 5.34 -3.04 -3.36
N THR A 17 6.48 -2.41 -3.23
CA THR A 17 7.16 -2.34 -1.91
C THR A 17 6.24 -1.63 -0.89
N LEU A 18 6.75 -0.65 -0.16
CA LEU A 18 5.96 0.09 0.87
C LEU A 18 4.45 0.02 0.58
N GLU A 19 4.04 0.20 -0.65
CA GLU A 19 2.57 0.14 -0.95
C GLU A 19 1.94 -1.11 -0.30
N ASP A 20 2.28 -2.27 -0.79
CA ASP A 20 1.69 -3.51 -0.21
C ASP A 20 1.77 -3.44 1.32
N LYS A 21 2.74 -2.71 1.82
CA LYS A 21 2.87 -2.58 3.30
C LYS A 21 1.73 -1.74 3.85
N ALA A 22 1.44 -0.65 3.20
CA ALA A 22 0.33 0.23 3.65
C ALA A 22 -0.94 -0.61 3.77
N TRP A 23 -1.22 -1.40 2.77
CA TRP A 23 -2.42 -2.26 2.81
C TRP A 23 -2.22 -3.31 3.89
N GLU A 24 -0.99 -3.72 4.10
CA GLU A 24 -0.72 -4.72 5.16
C GLU A 24 -1.05 -4.12 6.52
N VAL A 25 -0.99 -2.81 6.61
CA VAL A 25 -1.31 -2.14 7.90
C VAL A 25 -2.82 -2.13 8.09
N ILE A 26 -3.57 -2.19 7.03
CA ILE A 26 -5.05 -2.19 7.17
C ILE A 26 -5.46 -3.47 7.89
N ASN A 27 -4.59 -4.45 7.91
CA ASN A 27 -4.92 -5.72 8.61
C ASN A 27 -4.51 -5.62 10.08
N ARG A 28 -3.63 -4.70 10.40
CA ARG A 28 -3.20 -4.54 11.82
C ARG A 28 -4.13 -3.54 12.51
N ILE A 29 -4.83 -2.77 11.74
CA ILE A 29 -5.75 -1.76 12.31
C ILE A 29 -7.19 -2.23 12.16
N LYS A 30 -7.47 -2.92 11.10
CA LYS A 30 -8.87 -3.41 10.86
C LYS A 30 -9.21 -4.51 11.87
N GLN A 31 -8.25 -5.31 12.25
CA GLN A 31 -8.55 -6.39 13.23
C GLN A 31 -8.95 -5.73 14.55
N SER A 32 -8.37 -4.60 14.85
CA SER A 32 -8.73 -3.89 16.11
C SER A 32 -10.07 -3.18 15.89
N GLU A 33 -10.48 -3.05 14.65
CA GLU A 33 -11.77 -2.38 14.35
C GLU A 33 -11.59 -0.86 14.39
N PHE A 34 -10.38 -0.41 14.66
CA PHE A 34 -10.08 1.05 14.71
C PHE A 34 -11.35 1.87 14.99
N PRO A 35 -11.91 1.64 16.15
CA PRO A 35 -13.14 2.33 16.58
C PRO A 35 -12.81 3.74 17.10
N ALA A 36 -11.55 4.05 17.22
CA ALA A 36 -11.17 5.40 17.72
C ALA A 36 -11.12 6.38 16.55
N LYS A 37 -12.22 6.55 15.85
CA LYS A 37 -12.24 7.49 14.71
C LYS A 37 -11.77 8.87 15.18
N THR A 38 -12.09 9.24 16.38
CA THR A 38 -11.66 10.57 16.90
C THR A 38 -11.16 10.43 18.33
N ALA A 1 17.23 6.00 -23.31
CA ALA A 1 16.60 5.49 -22.07
C ALA A 1 15.59 6.53 -21.55
N PRO A 2 14.60 6.04 -20.84
CA PRO A 2 13.54 6.89 -20.26
C PRO A 2 14.06 7.61 -19.01
N ASP A 3 14.16 8.91 -19.06
CA ASP A 3 14.67 9.66 -17.88
C ASP A 3 13.48 10.20 -17.08
N VAL A 4 13.74 10.82 -15.96
CA VAL A 4 12.62 11.37 -15.14
C VAL A 4 11.66 12.14 -16.03
N SER A 5 10.56 12.60 -15.48
CA SER A 5 9.58 13.35 -16.32
C SER A 5 9.25 12.54 -17.57
N SER A 6 9.27 11.24 -17.42
CA SER A 6 8.95 10.34 -18.58
C SER A 6 9.60 8.98 -18.33
N ALA A 7 9.58 8.51 -17.12
CA ALA A 7 10.19 7.18 -16.82
C ALA A 7 9.70 6.69 -15.45
N LEU A 8 8.55 7.15 -15.04
CA LEU A 8 8.01 6.71 -13.72
C LEU A 8 6.55 6.27 -13.87
N ASP A 9 6.08 6.19 -15.09
CA ASP A 9 4.67 5.76 -15.31
C ASP A 9 4.53 4.28 -14.96
N LYS A 10 5.60 3.54 -15.05
CA LYS A 10 5.52 2.09 -14.72
C LYS A 10 5.53 1.91 -13.21
N LEU A 11 6.58 2.31 -12.56
CA LEU A 11 6.66 2.17 -11.08
C LEU A 11 5.43 2.80 -10.43
N LYS A 12 4.99 3.93 -10.91
CA LYS A 12 3.79 4.57 -10.30
C LYS A 12 2.66 3.55 -10.26
N GLU A 13 2.55 2.75 -11.28
CA GLU A 13 1.47 1.72 -11.31
C GLU A 13 1.81 0.61 -10.31
N PHE A 14 3.08 0.37 -10.10
CA PHE A 14 3.49 -0.70 -9.15
C PHE A 14 3.05 -0.33 -7.73
N GLY A 15 3.24 0.90 -7.34
CA GLY A 15 2.83 1.32 -5.97
C GLY A 15 1.33 1.58 -5.96
N ASN A 16 0.68 1.37 -7.07
CA ASN A 16 -0.78 1.60 -7.15
C ASN A 16 -1.52 0.27 -6.92
N THR A 17 -1.24 -0.71 -7.71
CA THR A 17 -1.92 -2.03 -7.56
C THR A 17 -1.64 -2.61 -6.15
N LEU A 18 -1.19 -3.84 -6.08
CA LEU A 18 -0.90 -4.50 -4.76
C LEU A 18 -0.62 -3.47 -3.65
N GLU A 19 0.13 -2.45 -3.91
CA GLU A 19 0.42 -1.44 -2.84
C GLU A 19 -0.88 -1.00 -2.18
N ASP A 20 -1.72 -0.31 -2.89
CA ASP A 20 -3.00 0.16 -2.29
C ASP A 20 -3.66 -1.01 -1.54
N LYS A 21 -3.36 -2.21 -1.95
CA LYS A 21 -3.95 -3.40 -1.28
C LYS A 21 -3.30 -3.59 0.09
N ALA A 22 -2.01 -3.48 0.15
CA ALA A 22 -1.29 -3.61 1.45
C ALA A 22 -1.92 -2.67 2.46
N TRP A 23 -2.18 -1.45 2.06
CA TRP A 23 -2.81 -0.49 2.97
C TRP A 23 -4.25 -0.93 3.22
N GLU A 24 -4.86 -1.53 2.24
CA GLU A 24 -6.26 -2.00 2.41
C GLU A 24 -6.27 -3.11 3.47
N VAL A 25 -5.16 -3.76 3.66
CA VAL A 25 -5.08 -4.84 4.67
C VAL A 25 -4.95 -4.21 6.06
N ILE A 26 -4.46 -3.01 6.13
CA ILE A 26 -4.33 -2.35 7.45
C ILE A 26 -5.73 -2.19 8.05
N ASN A 27 -6.73 -2.23 7.23
CA ASN A 27 -8.13 -2.08 7.74
C ASN A 27 -8.66 -3.44 8.21
N ARG A 28 -8.08 -4.52 7.74
CA ARG A 28 -8.56 -5.87 8.18
C ARG A 28 -7.65 -6.38 9.30
N ILE A 29 -6.66 -5.63 9.64
CA ILE A 29 -5.73 -6.06 10.71
C ILE A 29 -5.76 -5.05 11.85
N LYS A 30 -6.13 -3.87 11.55
CA LYS A 30 -6.18 -2.78 12.57
C LYS A 30 -7.47 -2.89 13.35
N GLN A 31 -8.58 -2.79 12.67
CA GLN A 31 -9.88 -2.88 13.36
C GLN A 31 -10.24 -4.35 13.58
N SER A 32 -9.59 -5.26 12.92
CA SER A 32 -9.94 -6.67 13.11
C SER A 32 -8.81 -7.40 13.83
N GLU A 33 -7.70 -6.76 14.05
CA GLU A 33 -6.62 -7.45 14.77
C GLU A 33 -5.75 -6.45 15.52
N PHE A 34 -6.21 -5.24 15.68
CA PHE A 34 -5.40 -4.24 16.41
C PHE A 34 -6.31 -3.37 17.29
N PRO A 35 -7.06 -4.02 18.15
CA PRO A 35 -8.00 -3.33 19.06
C PRO A 35 -7.22 -2.69 20.21
N ALA A 36 -6.24 -3.37 20.74
CA ALA A 36 -5.46 -2.80 21.87
C ALA A 36 -6.27 -2.90 23.16
N LYS A 37 -5.64 -3.22 24.25
CA LYS A 37 -6.37 -3.34 25.54
C LYS A 37 -7.18 -2.07 25.78
N THR A 38 -6.56 -1.03 26.28
CA THR A 38 -7.28 0.23 26.55
C THR A 38 -6.37 1.42 26.26
N ALA A 1 -20.39 5.24 19.94
CA ALA A 1 -19.73 5.24 18.60
C ALA A 1 -18.21 5.33 18.77
N PRO A 2 -17.50 4.75 17.85
CA PRO A 2 -16.02 4.75 17.86
C PRO A 2 -15.48 6.11 17.42
N ASP A 3 -14.95 6.88 18.32
CA ASP A 3 -14.41 8.22 17.95
C ASP A 3 -12.97 8.07 17.46
N VAL A 4 -12.38 9.13 16.99
CA VAL A 4 -10.99 9.06 16.50
C VAL A 4 -10.03 8.82 17.68
N SER A 5 -10.49 9.04 18.88
CA SER A 5 -9.61 8.82 20.06
C SER A 5 -9.73 7.37 20.53
N SER A 6 -9.80 6.46 19.60
CA SER A 6 -9.92 5.01 19.96
C SER A 6 -10.50 4.24 18.78
N ALA A 7 -10.07 4.59 17.59
CA ALA A 7 -10.58 3.88 16.38
C ALA A 7 -9.50 3.88 15.31
N LEU A 8 -8.27 4.00 15.69
CA LEU A 8 -7.16 4.01 14.69
C LEU A 8 -6.46 2.65 14.70
N ASP A 9 -6.75 1.84 15.67
CA ASP A 9 -6.11 0.49 15.74
C ASP A 9 -6.63 -0.38 14.59
N LYS A 10 -7.81 -0.09 14.11
CA LYS A 10 -8.36 -0.90 12.99
C LYS A 10 -7.73 -0.45 11.68
N LEU A 11 -7.94 0.78 11.30
CA LEU A 11 -7.36 1.29 10.04
C LEU A 11 -5.84 1.02 10.00
N LYS A 12 -5.18 1.17 11.11
CA LYS A 12 -3.70 0.92 11.12
C LYS A 12 -3.42 -0.43 10.49
N GLU A 13 -4.25 -1.40 10.77
CA GLU A 13 -4.04 -2.76 10.18
C GLU A 13 -4.38 -2.72 8.70
N PHE A 14 -5.32 -1.89 8.31
CA PHE A 14 -5.70 -1.80 6.88
C PHE A 14 -4.52 -1.30 6.06
N GLY A 15 -3.80 -0.32 6.56
CA GLY A 15 -2.64 0.21 5.80
C GLY A 15 -1.42 -0.69 6.05
N ASN A 16 -1.62 -1.76 6.76
CA ASN A 16 -0.50 -2.68 7.06
C ASN A 16 -0.54 -3.88 6.10
N THR A 17 -1.62 -4.61 6.11
CA THR A 17 -1.73 -5.80 5.21
C THR A 17 -1.61 -5.37 3.73
N LEU A 18 -2.51 -5.79 2.89
CA LEU A 18 -2.47 -5.43 1.44
C LEU A 18 -1.69 -4.13 1.19
N GLU A 19 -1.90 -3.13 1.99
CA GLU A 19 -1.17 -1.84 1.76
C GLU A 19 0.32 -2.10 1.57
N ASP A 20 0.99 -2.55 2.59
CA ASP A 20 2.46 -2.82 2.45
C ASP A 20 2.70 -3.63 1.18
N LYS A 21 1.72 -4.38 0.76
CA LYS A 21 1.88 -5.19 -0.48
C LYS A 21 1.90 -4.26 -1.69
N ALA A 22 1.00 -3.31 -1.72
CA ALA A 22 0.95 -2.35 -2.85
C ALA A 22 2.33 -1.71 -3.00
N TRP A 23 2.92 -1.31 -1.91
CA TRP A 23 4.25 -0.70 -1.96
C TRP A 23 5.25 -1.78 -2.40
N GLU A 24 5.01 -3.00 -2.01
CA GLU A 24 5.92 -4.10 -2.41
C GLU A 24 5.87 -4.26 -3.92
N VAL A 25 4.80 -3.83 -4.53
CA VAL A 25 4.67 -3.94 -6.01
C VAL A 25 5.48 -2.82 -6.65
N ILE A 26 5.69 -1.73 -5.95
CA ILE A 26 6.48 -0.62 -6.53
C ILE A 26 7.89 -1.11 -6.82
N ASN A 27 8.28 -2.19 -6.20
CA ASN A 27 9.65 -2.73 -6.41
C ASN A 27 9.63 -3.71 -7.60
N ARG A 28 8.48 -4.24 -7.93
CA ARG A 28 8.41 -5.18 -9.08
C ARG A 28 8.10 -4.39 -10.35
N ILE A 29 7.62 -3.19 -10.19
CA ILE A 29 7.28 -2.34 -11.36
C ILE A 29 8.34 -1.25 -11.53
N LYS A 30 8.87 -0.78 -10.43
CA LYS A 30 9.90 0.29 -10.51
C LYS A 30 11.20 -0.26 -11.09
N GLN A 31 11.51 -1.50 -10.83
CA GLN A 31 12.76 -2.06 -11.40
C GLN A 31 12.62 -2.09 -12.93
N SER A 32 11.44 -2.32 -13.40
CA SER A 32 11.22 -2.33 -14.88
C SER A 32 11.19 -0.88 -15.37
N GLU A 33 11.04 0.05 -14.47
CA GLU A 33 11.01 1.49 -14.86
C GLU A 33 9.62 1.85 -15.38
N PHE A 34 8.71 0.90 -15.40
CA PHE A 34 7.32 1.14 -15.87
C PHE A 34 7.25 2.36 -16.80
N PRO A 35 7.93 2.26 -17.92
CA PRO A 35 7.98 3.35 -18.91
C PRO A 35 6.70 3.35 -19.76
N ALA A 36 5.98 2.27 -19.76
CA ALA A 36 4.72 2.21 -20.56
C ALA A 36 5.08 2.18 -22.05
N LYS A 37 4.97 1.03 -22.67
CA LYS A 37 5.30 0.93 -24.11
C LYS A 37 4.48 1.95 -24.89
N THR A 38 5.09 3.06 -25.26
CA THR A 38 4.34 4.09 -26.03
C THR A 38 3.81 3.49 -27.33
N ALA A 1 -12.87 9.34 22.50
CA ALA A 1 -12.46 9.18 21.75
C ALA A 1 -11.75 8.48 21.50
N PRO A 2 -11.43 8.04 20.87
CA PRO A 2 -10.73 7.34 20.55
C PRO A 2 -10.25 7.68 20.35
N ASP A 3 -9.92 7.51 20.73
CA ASP A 3 -9.43 7.81 20.57
C ASP A 3 -8.60 7.36 20.05
N VAL A 4 -7.99 7.79 19.82
CA VAL A 4 -7.16 7.40 19.33
C VAL A 4 -6.60 6.52 20.15
N SER A 5 -6.39 6.40 20.93
CA SER A 5 -5.86 5.55 21.74
C SER A 5 -6.39 4.55 21.83
N SER A 6 -6.73 4.29 20.92
CA SER A 6 -7.26 3.34 20.91
C SER A 6 -8.04 3.31 19.83
N ALA A 7 -7.81 3.68 18.80
CA ALA A 7 -8.53 3.68 17.71
C ALA A 7 -7.80 3.63 16.46
N LEU A 8 -6.83 3.27 16.47
CA LEU A 8 -6.07 3.19 15.29
C LEU A 8 -5.54 1.85 14.98
N ASP A 9 -5.81 0.97 15.82
CA ASP A 9 -5.32 -0.35 15.56
C ASP A 9 -6.02 -0.94 14.40
N LYS A 10 -7.15 -0.49 14.18
CA LYS A 10 -7.88 -1.01 13.07
C LYS A 10 -7.32 -0.52 11.78
N LEU A 11 -7.36 0.70 11.62
CA LEU A 11 -6.84 1.25 10.39
C LEU A 11 -5.46 0.80 10.12
N LYS A 12 -4.70 0.75 11.12
CA LYS A 12 -3.35 0.31 10.91
C LYS A 12 -3.35 -0.97 10.17
N GLU A 13 -4.26 -1.77 10.46
CA GLU A 13 -4.32 -3.02 9.77
C GLU A 13 -4.76 -2.84 8.36
N PHE A 14 -5.55 -1.89 8.18
CA PHE A 14 -6.02 -1.66 6.82
C PHE A 14 -4.89 -1.30 5.90
N GLY A 15 -4.06 -0.51 6.36
CA GLY A 15 -2.96 -0.13 5.51
C GLY A 15 -1.94 -1.19 5.50
N ASN A 16 -2.17 -2.13 6.19
CA ASN A 16 -1.24 -3.21 6.26
C ASN A 16 -1.54 -4.22 5.20
N THR A 17 -2.68 -4.74 5.23
CA THR A 17 -3.05 -5.73 4.25
C THR A 17 -2.97 -5.18 2.83
N LEU A 18 -3.98 -5.28 2.09
CA LEU A 18 -3.99 -4.80 0.70
C LEU A 18 -3.00 -3.72 0.47
N GLU A 19 -2.88 -2.82 1.38
CA GLU A 19 -1.91 -1.76 1.16
C GLU A 19 -0.58 -2.33 0.80
N ASP A 20 0.00 -3.00 1.70
CA ASP A 20 1.29 -3.57 1.38
C ASP A 20 1.26 -4.26 0.04
N LYS A 21 0.14 -4.68 -0.34
CA LYS A 21 0.02 -5.36 -1.64
C LYS A 21 0.17 -4.38 -2.75
N ALA A 22 -0.45 -3.29 -2.60
CA ALA A 22 -0.36 -2.27 -3.64
C ALA A 22 1.06 -1.94 -3.88
N TRP A 23 1.76 -1.78 -2.84
CA TRP A 23 3.15 -1.49 -2.98
C TRP A 23 3.84 -2.66 -3.58
N GLU A 24 3.37 -3.79 -3.27
CA GLU A 24 3.97 -4.98 -3.82
C GLU A 24 3.81 -5.00 -5.32
N VAL A 25 2.85 -4.33 -5.78
CA VAL A 25 2.64 -4.28 -7.22
C VAL A 25 3.61 -3.36 -7.86
N ILE A 26 4.06 -2.44 -7.11
CA ILE A 26 5.02 -1.51 -7.68
C ILE A 26 6.23 -2.26 -8.14
N ASN A 27 6.40 -3.40 -7.64
CA ASN A 27 7.55 -4.19 -8.04
C ASN A 27 7.26 -4.98 -9.28
N ARG A 28 6.05 -5.21 -9.53
CA ARG A 28 5.72 -5.97 -10.74
C ARG A 28 5.54 -5.04 -11.88
N ILE A 29 5.36 -3.83 -11.59
CA ILE A 29 5.15 -2.86 -12.64
C ILE A 29 6.38 -2.06 -12.83
N LYS A 30 7.09 -1.90 -11.80
CA LYS A 30 8.31 -1.12 -11.88
C LYS A 30 9.36 -1.88 -12.61
N GLN A 31 9.45 -3.07 -12.41
CA GLN A 31 10.47 -3.84 -13.11
C GLN A 31 10.24 -3.99 -14.47
N SER A 32 9.07 -4.00 -14.75
CA SER A 32 8.80 -4.14 -16.06
C SER A 32 8.58 -3.06 -16.51
N GLU A 33 8.43 -2.27 -15.72
CA GLU A 33 8.22 -1.21 -16.08
C GLU A 33 7.59 -0.08 -16.28
N PHE A 34 7.34 -0.17 -16.35
CA PHE A 34 6.68 0.88 -16.52
C PHE A 34 7.29 1.84 -17.21
N PRO A 35 7.62 1.62 -18.30
CA PRO A 35 8.22 2.45 -19.08
C PRO A 35 7.49 3.37 -19.68
N ALA A 36 6.66 3.41 -19.66
CA ALA A 36 5.91 4.29 -20.23
C ALA A 36 6.16 4.97 -20.88
N LYS A 37 6.43 5.06 -21.40
CA LYS A 37 6.68 5.71 -22.05
C LYS A 37 6.19 6.33 -22.53
N THR A 38 6.02 6.60 -22.96
CA THR A 38 5.56 7.19 -23.44
C THR A 38 5.27 7.42 -23.79
#